data_1TKP
#
_entry.id   1TKP
#
_cell.length_a   91.110
_cell.length_b   91.110
_cell.length_c   150.040
_cell.angle_alpha   90.00
_cell.angle_beta   90.00
_cell.angle_gamma   120.00
#
_symmetry.space_group_name_H-M   'P 3 2 1'
#
loop_
_entity.id
_entity.type
_entity.pdbx_description
1 polymer 'Iron-rich dpsA-homolog protein'
2 non-polymer 'SULFATE ION'
3 non-polymer 'FE (III) ION'
4 non-polymer 'SODIUM ION'
5 water water
#
_entity_poly.entity_id   1
_entity_poly.type   'polypeptide(L)'
_entity_poly.pdbx_seq_one_letter_code
;MSTQKNARATAGEVEGSDALRMDADRAEQCVDALNADLANVYVLYHQLKKHHWNVEGAEFRDLHLFLGEAAETAEEVADE
LAERVQALGGVPHASPETLQAEASVDVEDEDVYDIRTSLANDMAIYGDIIEATREHTELAENLGDHATAHMLREGLIELE
DDAHHIEHYLEDDTLVTQGALE
;
_entity_poly.pdbx_strand_id   A,B,C,D
#
loop_
_chem_comp.id
_chem_comp.type
_chem_comp.name
_chem_comp.formula
FE non-polymer 'FE (III) ION' 'Fe 3'
NA non-polymer 'SODIUM ION' 'Na 1'
SO4 non-polymer 'SULFATE ION' 'O4 S -2'
#
# COMPACT_ATOMS: atom_id res chain seq x y z
N SER A 2 36.17 4.57 -32.53
CA SER A 2 35.34 3.52 -31.83
C SER A 2 35.83 2.97 -30.47
N THR A 3 37.09 2.50 -30.50
CA THR A 3 38.01 2.26 -29.37
C THR A 3 38.28 3.54 -28.61
N GLN A 4 37.84 4.62 -29.27
CA GLN A 4 38.19 6.00 -29.00
C GLN A 4 37.02 6.97 -28.86
N LYS A 5 35.73 6.53 -28.81
CA LYS A 5 34.63 7.42 -28.28
C LYS A 5 34.98 7.78 -26.80
N ASN A 6 34.53 8.89 -26.16
CA ASN A 6 34.82 8.93 -24.68
C ASN A 6 33.70 8.28 -24.07
N ALA A 7 32.60 8.29 -24.78
CA ALA A 7 31.42 7.73 -24.16
C ALA A 7 31.60 6.23 -23.98
N ARG A 8 31.32 5.78 -22.77
CA ARG A 8 31.16 4.36 -22.44
C ARG A 8 29.95 3.77 -23.18
N ALA A 9 28.85 4.52 -23.28
CA ALA A 9 27.64 4.04 -23.94
C ALA A 9 26.95 5.21 -24.60
N THR A 10 26.36 4.97 -25.78
CA THR A 10 25.59 5.99 -26.43
C THR A 10 24.14 5.84 -26.16
N ALA A 11 23.53 6.96 -25.82
CA ALA A 11 22.11 6.98 -25.60
C ALA A 11 21.49 6.29 -26.78
N GLY A 12 20.41 5.54 -26.56
CA GLY A 12 19.77 4.78 -27.62
C GLY A 12 20.36 3.42 -28.06
N GLU A 13 21.60 3.12 -27.71
CA GLU A 13 22.21 1.82 -28.06
C GLU A 13 21.71 0.77 -27.07
N VAL A 14 21.38 -0.41 -27.55
CA VAL A 14 21.10 -1.49 -26.65
C VAL A 14 22.01 -2.64 -26.95
N GLU A 15 22.62 -3.18 -25.95
CA GLU A 15 23.62 -4.16 -26.29
C GLU A 15 23.33 -5.57 -25.78
N GLY A 16 22.14 -5.80 -25.21
CA GLY A 16 21.83 -7.03 -24.52
C GLY A 16 22.81 -7.30 -23.38
N SER A 17 22.73 -8.49 -22.78
CA SER A 17 23.63 -8.90 -21.72
C SER A 17 23.90 -10.34 -21.94
N ASP A 18 25.18 -10.64 -21.82
CA ASP A 18 25.66 -12.01 -21.85
C ASP A 18 25.43 -12.71 -20.54
N ALA A 19 25.57 -11.97 -19.43
CA ALA A 19 25.22 -12.46 -18.10
C ALA A 19 23.80 -12.98 -18.09
N LEU A 20 22.90 -12.14 -18.54
CA LEU A 20 21.48 -12.45 -18.51
C LEU A 20 20.97 -13.33 -19.70
N ARG A 21 21.89 -13.74 -20.61
CA ARG A 21 21.56 -14.48 -21.81
C ARG A 21 20.42 -13.91 -22.56
N MET A 22 20.55 -12.65 -22.89
CA MET A 22 19.53 -11.90 -23.58
C MET A 22 20.30 -11.19 -24.68
N ASP A 23 20.02 -11.58 -25.91
CA ASP A 23 20.75 -11.01 -27.04
C ASP A 23 20.12 -9.65 -27.27
N ALA A 24 20.81 -8.84 -28.07
CA ALA A 24 20.50 -7.41 -28.29
C ALA A 24 19.21 -7.18 -28.98
N ASP A 25 18.91 -8.05 -29.90
CA ASP A 25 17.61 -8.05 -30.52
C ASP A 25 16.46 -8.07 -29.52
N ARG A 26 16.35 -9.08 -28.65
CA ARG A 26 15.20 -9.09 -27.69
C ARG A 26 15.27 -7.97 -26.75
N ALA A 27 16.48 -7.69 -26.28
CA ALA A 27 16.71 -6.65 -25.26
C ALA A 27 16.19 -5.35 -25.73
N GLU A 28 16.40 -5.06 -27.02
CA GLU A 28 16.06 -3.77 -27.59
C GLU A 28 14.57 -3.58 -27.53
N GLN A 29 13.85 -4.66 -27.73
CA GLN A 29 12.41 -4.56 -27.66
C GLN A 29 11.96 -4.22 -26.26
N CYS A 30 12.61 -4.78 -25.23
CA CYS A 30 12.17 -4.44 -23.84
C CYS A 30 12.62 -3.07 -23.47
N VAL A 31 13.84 -2.75 -23.83
CA VAL A 31 14.43 -1.50 -23.42
C VAL A 31 13.66 -0.33 -24.09
N ASP A 32 13.36 -0.45 -25.37
CA ASP A 32 12.37 0.51 -25.90
C ASP A 32 11.09 0.68 -24.99
N ALA A 33 10.43 -0.42 -24.61
CA ALA A 33 9.26 -0.30 -23.73
C ALA A 33 9.55 0.28 -22.33
N LEU A 34 10.59 -0.16 -21.67
CA LEU A 34 10.85 0.24 -20.32
C LEU A 34 11.31 1.70 -20.28
N ASN A 35 12.23 2.10 -21.18
CA ASN A 35 12.57 3.52 -21.30
C ASN A 35 11.38 4.47 -21.43
N ALA A 36 10.40 4.01 -22.18
CA ALA A 36 9.32 4.91 -22.48
C ALA A 36 8.59 4.93 -21.13
N ASP A 37 8.60 3.86 -20.36
CA ASP A 37 7.83 3.87 -19.14
C ASP A 37 8.54 4.65 -18.12
N LEU A 38 9.86 4.48 -18.05
CA LEU A 38 10.63 5.23 -17.10
C LEU A 38 10.37 6.76 -17.22
N ALA A 39 10.33 7.23 -18.45
CA ALA A 39 10.03 8.62 -18.68
C ALA A 39 8.71 9.08 -18.14
N ASN A 40 7.66 8.28 -18.37
CA ASN A 40 6.35 8.61 -17.84
C ASN A 40 6.29 8.50 -16.39
N VAL A 41 6.94 7.49 -15.79
CA VAL A 41 6.82 7.27 -14.34
C VAL A 41 7.63 8.40 -13.62
N TYR A 42 8.79 8.81 -14.13
CA TYR A 42 9.45 9.92 -13.57
C TYR A 42 8.70 11.25 -13.80
N VAL A 43 7.97 11.46 -14.90
CA VAL A 43 7.14 12.65 -14.82
C VAL A 43 5.97 12.50 -13.82
N LEU A 44 5.43 11.30 -13.72
CA LEU A 44 4.43 11.09 -12.70
C LEU A 44 5.02 11.47 -11.33
N TYR A 45 6.25 10.99 -11.06
CA TYR A 45 6.82 11.19 -9.74
C TYR A 45 6.92 12.72 -9.48
N HIS A 46 7.42 13.47 -10.45
CA HIS A 46 7.58 14.89 -10.23
C HIS A 46 6.23 15.57 -10.04
N GLN A 47 5.18 15.15 -10.72
CA GLN A 47 3.88 15.78 -10.54
C GLN A 47 3.28 15.41 -9.18
N LEU A 48 3.47 14.19 -8.75
CA LEU A 48 3.02 13.81 -7.40
C LEU A 48 3.72 14.56 -6.34
N LYS A 49 5.01 14.66 -6.47
CA LYS A 49 5.74 15.57 -5.56
C LYS A 49 5.10 16.96 -5.57
N LYS A 50 4.89 17.46 -6.75
CA LYS A 50 4.33 18.84 -6.90
C LYS A 50 3.03 18.93 -6.04
N HIS A 51 2.17 17.96 -6.26
CA HIS A 51 0.91 17.95 -5.56
C HIS A 51 0.99 17.67 -4.05
N HIS A 52 1.94 16.88 -3.64
CA HIS A 52 2.29 16.71 -2.27
C HIS A 52 2.75 18.00 -1.61
N TRP A 53 3.77 18.66 -2.19
CA TRP A 53 4.11 20.03 -1.83
C TRP A 53 2.95 20.95 -1.69
N ASN A 54 2.06 20.95 -2.64
CA ASN A 54 1.18 22.13 -2.71
C ASN A 54 -0.24 21.89 -2.13
N VAL A 55 -0.63 20.64 -1.84
CA VAL A 55 -2.05 20.36 -1.57
C VAL A 55 -2.41 21.16 -0.30
N GLU A 56 -3.61 21.69 -0.22
CA GLU A 56 -4.06 22.55 0.85
C GLU A 56 -5.52 22.24 1.10
N GLY A 57 -6.03 22.57 2.30
CA GLY A 57 -7.45 22.60 2.51
C GLY A 57 -7.82 21.50 3.51
N ALA A 58 -9.11 21.29 3.62
CA ALA A 58 -9.67 20.42 4.63
C ALA A 58 -9.03 19.01 4.72
N GLU A 59 -8.56 18.48 3.59
CA GLU A 59 -7.99 17.15 3.63
C GLU A 59 -6.52 17.10 3.36
N PHE A 60 -5.84 18.21 3.50
CA PHE A 60 -4.52 18.27 2.97
C PHE A 60 -3.50 17.30 3.59
N ARG A 61 -3.59 17.04 4.88
CA ARG A 61 -2.47 16.30 5.52
C ARG A 61 -2.53 14.87 5.08
N ASP A 62 -3.71 14.23 5.14
CA ASP A 62 -3.94 12.90 4.50
C ASP A 62 -3.49 12.92 3.05
N LEU A 63 -3.76 13.98 2.28
CA LEU A 63 -3.36 13.89 0.84
C LEU A 63 -1.86 14.01 0.67
N HIS A 64 -1.27 14.75 1.59
CA HIS A 64 0.13 15.15 1.58
C HIS A 64 0.88 13.87 1.87
N LEU A 65 0.32 13.08 2.75
CA LEU A 65 1.05 11.89 3.02
C LEU A 65 0.77 10.89 1.92
N PHE A 66 -0.45 10.82 1.42
CA PHE A 66 -0.71 9.89 0.38
C PHE A 66 0.17 10.17 -0.84
N LEU A 67 0.28 11.44 -1.21
CA LEU A 67 0.87 11.79 -2.46
C LEU A 67 2.38 11.62 -2.30
N GLY A 68 2.90 11.75 -1.07
CA GLY A 68 4.36 11.53 -0.88
C GLY A 68 4.70 10.05 -0.97
N GLU A 69 3.88 9.20 -0.34
CA GLU A 69 4.00 7.79 -0.51
C GLU A 69 3.79 7.43 -2.00
N ALA A 70 2.87 8.08 -2.69
CA ALA A 70 2.66 7.68 -4.11
C ALA A 70 3.89 8.10 -4.96
N ALA A 71 4.52 9.21 -4.63
CA ALA A 71 5.78 9.60 -5.33
C ALA A 71 6.86 8.67 -5.03
N GLU A 72 6.93 8.27 -3.77
CA GLU A 72 7.98 7.27 -3.40
C GLU A 72 7.85 5.97 -4.19
N THR A 73 6.60 5.53 -4.37
CA THR A 73 6.39 4.29 -5.07
C THR A 73 6.86 4.54 -6.53
N ALA A 74 6.65 5.72 -7.08
CA ALA A 74 6.84 5.93 -8.54
C ALA A 74 8.29 5.99 -8.70
N GLU A 75 8.91 6.62 -7.73
CA GLU A 75 10.40 6.72 -7.71
C GLU A 75 11.06 5.34 -7.74
N GLU A 76 10.47 4.43 -7.03
CA GLU A 76 11.00 3.10 -6.84
C GLU A 76 10.72 2.33 -8.11
N VAL A 77 9.53 2.57 -8.65
CA VAL A 77 9.21 1.97 -9.96
C VAL A 77 10.19 2.50 -11.00
N ALA A 78 10.44 3.80 -11.01
CA ALA A 78 11.30 4.28 -12.08
C ALA A 78 12.69 3.68 -11.88
N ASP A 79 13.17 3.66 -10.62
CA ASP A 79 14.46 3.05 -10.37
C ASP A 79 14.49 1.62 -10.88
N GLU A 80 13.47 0.81 -10.64
CA GLU A 80 13.51 -0.58 -11.22
C GLU A 80 13.66 -0.64 -12.75
N LEU A 81 12.86 0.18 -13.38
CA LEU A 81 12.79 0.19 -14.82
C LEU A 81 14.16 0.69 -15.38
N ALA A 82 14.68 1.78 -14.82
CA ALA A 82 16.00 2.27 -15.25
C ALA A 82 17.06 1.18 -15.10
N GLU A 83 17.03 0.49 -13.96
CA GLU A 83 18.09 -0.52 -13.66
C GLU A 83 17.93 -1.65 -14.59
N ARG A 84 16.68 -1.99 -14.91
CA ARG A 84 16.39 -3.06 -15.84
C ARG A 84 16.89 -2.69 -17.28
N VAL A 85 16.63 -1.48 -17.71
CA VAL A 85 17.10 -1.04 -18.99
C VAL A 85 18.61 -1.17 -19.00
N GLN A 86 19.29 -0.79 -17.90
CA GLN A 86 20.72 -0.90 -17.91
C GLN A 86 21.17 -2.36 -17.96
N ALA A 87 20.48 -3.19 -17.20
CA ALA A 87 20.88 -4.57 -17.04
C ALA A 87 20.77 -5.23 -18.45
N LEU A 88 19.81 -4.71 -19.25
CA LEU A 88 19.60 -5.22 -20.57
C LEU A 88 20.50 -4.56 -21.62
N GLY A 89 21.44 -3.74 -21.14
CA GLY A 89 22.50 -3.20 -22.00
C GLY A 89 22.05 -1.94 -22.77
N GLY A 90 20.94 -1.34 -22.37
CA GLY A 90 20.63 -0.01 -22.82
C GLY A 90 20.94 1.13 -21.82
N VAL A 91 20.50 2.32 -22.14
CA VAL A 91 20.88 3.54 -21.44
C VAL A 91 19.57 4.16 -20.97
N PRO A 92 19.27 4.07 -19.70
CA PRO A 92 17.99 4.63 -19.22
C PRO A 92 18.02 6.13 -19.40
N HIS A 93 16.97 6.72 -19.92
CA HIS A 93 16.76 8.19 -19.87
C HIS A 93 17.10 8.76 -18.49
N ALA A 94 17.84 9.84 -18.47
CA ALA A 94 18.42 10.30 -17.22
C ALA A 94 18.09 11.77 -16.90
N SER A 95 18.45 12.72 -17.75
CA SER A 95 18.31 14.11 -17.37
C SER A 95 16.86 14.44 -17.29
N PRO A 96 16.47 15.40 -16.49
CA PRO A 96 15.06 15.75 -16.38
C PRO A 96 14.44 16.17 -17.73
N GLU A 97 15.25 16.87 -18.50
CA GLU A 97 14.75 17.33 -19.79
C GLU A 97 14.42 16.14 -20.72
N THR A 98 15.33 15.19 -20.77
CA THR A 98 15.14 14.00 -21.50
C THR A 98 13.93 13.21 -21.04
N LEU A 99 13.79 13.08 -19.72
CA LEU A 99 12.71 12.32 -19.21
C LEU A 99 11.39 12.91 -19.61
N GLN A 100 11.20 14.21 -19.38
CA GLN A 100 9.94 14.84 -19.85
C GLN A 100 9.81 14.81 -21.42
N ALA A 101 10.87 15.09 -22.10
CA ALA A 101 10.75 15.05 -23.57
C ALA A 101 10.31 13.63 -24.10
N GLU A 102 10.76 12.57 -23.40
CA GLU A 102 10.43 11.23 -23.83
C GLU A 102 9.13 10.74 -23.23
N ALA A 103 8.56 11.53 -22.34
CA ALA A 103 7.28 11.12 -21.75
C ALA A 103 6.16 11.39 -22.73
N SER A 104 5.22 10.45 -22.85
CA SER A 104 4.04 10.71 -23.67
C SER A 104 2.87 11.27 -22.83
N VAL A 105 3.00 11.30 -21.51
CA VAL A 105 1.90 11.81 -20.69
C VAL A 105 1.87 13.30 -20.65
N ASP A 106 0.76 13.78 -20.23
CA ASP A 106 0.42 15.18 -20.24
C ASP A 106 0.87 15.72 -18.88
N VAL A 107 1.58 16.83 -18.88
CA VAL A 107 2.13 17.30 -17.64
C VAL A 107 1.61 18.69 -17.37
N GLU A 108 1.29 18.99 -16.12
CA GLU A 108 0.70 20.30 -15.75
C GLU A 108 1.71 21.38 -15.98
N ASP A 109 1.28 22.55 -16.34
CA ASP A 109 2.20 23.66 -16.43
C ASP A 109 2.55 24.07 -15.00
N GLU A 110 3.34 25.07 -14.80
CA GLU A 110 3.93 25.36 -13.53
C GLU A 110 2.96 26.07 -12.54
N ASP A 111 1.77 26.37 -13.01
CA ASP A 111 0.81 26.85 -12.05
C ASP A 111 0.32 25.79 -11.15
N VAL A 112 -0.21 26.20 -9.97
CA VAL A 112 -0.74 25.21 -8.97
C VAL A 112 -2.23 25.15 -9.11
N TYR A 113 -2.82 24.02 -9.33
CA TYR A 113 -4.26 24.02 -9.42
C TYR A 113 -4.91 23.46 -8.15
N ASP A 114 -6.22 23.50 -8.02
CA ASP A 114 -6.90 23.00 -6.88
C ASP A 114 -6.73 21.48 -6.79
N ILE A 115 -7.14 20.87 -5.71
CA ILE A 115 -6.70 19.49 -5.46
C ILE A 115 -7.46 18.51 -6.35
N ARG A 116 -8.76 18.77 -6.54
CA ARG A 116 -9.50 17.94 -7.51
C ARG A 116 -8.89 17.98 -8.92
N THR A 117 -8.42 19.15 -9.41
CA THR A 117 -7.84 19.26 -10.78
C THR A 117 -6.51 18.57 -10.79
N SER A 118 -5.77 18.75 -9.74
CA SER A 118 -4.47 18.16 -9.66
C SER A 118 -4.61 16.63 -9.64
N LEU A 119 -5.51 16.11 -8.82
CA LEU A 119 -5.69 14.64 -8.67
C LEU A 119 -6.14 14.03 -9.99
N ALA A 120 -7.13 14.68 -10.64
CA ALA A 120 -7.62 14.26 -11.94
C ALA A 120 -6.50 14.13 -12.98
N ASN A 121 -5.64 15.14 -13.07
CA ASN A 121 -4.48 15.13 -13.89
C ASN A 121 -3.55 13.99 -13.48
N ASP A 122 -3.33 13.75 -12.18
CA ASP A 122 -2.48 12.56 -11.86
C ASP A 122 -3.14 11.30 -12.28
N MET A 123 -4.47 11.30 -12.21
CA MET A 123 -5.22 10.07 -12.49
C MET A 123 -5.01 9.65 -13.93
N ALA A 124 -5.14 10.62 -14.78
CA ALA A 124 -4.86 10.54 -16.19
C ALA A 124 -3.44 10.06 -16.47
N ILE A 125 -2.45 10.52 -15.77
CA ILE A 125 -1.17 9.94 -16.03
C ILE A 125 -1.16 8.54 -15.60
N TYR A 126 -1.66 8.24 -14.40
CA TYR A 126 -1.64 6.85 -13.98
C TYR A 126 -2.22 5.89 -15.03
N GLY A 127 -3.28 6.27 -15.66
CA GLY A 127 -3.98 5.35 -16.54
C GLY A 127 -3.19 4.98 -17.78
N ASP A 128 -2.56 6.01 -18.33
CA ASP A 128 -1.68 5.84 -19.44
C ASP A 128 -0.59 4.90 -19.09
N ILE A 129 0.01 5.09 -17.90
CA ILE A 129 1.08 4.27 -17.51
C ILE A 129 0.60 2.84 -17.30
N ILE A 130 -0.60 2.66 -16.74
CA ILE A 130 -1.09 1.32 -16.46
C ILE A 130 -1.34 0.61 -17.82
N GLU A 131 -1.95 1.27 -18.81
CA GLU A 131 -2.31 0.58 -20.06
C GLU A 131 -1.03 0.19 -20.70
N ALA A 132 -0.08 1.10 -20.73
CA ALA A 132 1.26 0.83 -21.27
C ALA A 132 2.00 -0.24 -20.55
N THR A 133 1.91 -0.26 -19.22
CA THR A 133 2.63 -1.27 -18.48
C THR A 133 1.99 -2.62 -18.79
N ARG A 134 0.69 -2.60 -18.91
CA ARG A 134 0.00 -3.86 -19.24
C ARG A 134 0.54 -4.44 -20.53
N GLU A 135 0.69 -3.59 -21.55
CA GLU A 135 1.20 -4.01 -22.84
C GLU A 135 2.62 -4.57 -22.74
N HIS A 136 3.46 -3.83 -22.05
CA HIS A 136 4.83 -4.15 -21.92
C HIS A 136 5.02 -5.40 -21.18
N THR A 137 4.19 -5.69 -20.20
CA THR A 137 4.31 -7.00 -19.61
C THR A 137 4.05 -8.14 -20.59
N GLU A 138 3.09 -8.03 -21.51
CA GLU A 138 2.83 -9.12 -22.45
C GLU A 138 4.00 -9.17 -23.41
N LEU A 139 4.45 -7.97 -23.75
CA LEU A 139 5.57 -7.86 -24.66
C LEU A 139 6.69 -8.68 -24.09
N ALA A 140 6.95 -8.47 -22.81
CA ALA A 140 8.14 -9.06 -22.17
C ALA A 140 7.91 -10.55 -22.04
N GLU A 141 6.72 -10.95 -21.64
CA GLU A 141 6.47 -12.38 -21.55
C GLU A 141 6.62 -12.95 -22.95
N ASN A 142 6.15 -12.27 -24.00
CA ASN A 142 6.26 -12.94 -25.31
C ASN A 142 7.68 -13.10 -25.76
N LEU A 143 8.57 -12.19 -25.35
CA LEU A 143 9.98 -12.35 -25.56
C LEU A 143 10.62 -13.39 -24.65
N GLY A 144 9.85 -14.02 -23.79
CA GLY A 144 10.48 -14.96 -22.86
C GLY A 144 11.29 -14.25 -21.77
N ASP A 145 11.12 -12.90 -21.60
CA ASP A 145 11.89 -12.18 -20.57
C ASP A 145 11.02 -12.08 -19.36
N HIS A 146 10.94 -13.19 -18.67
CA HIS A 146 10.02 -13.34 -17.56
C HIS A 146 10.42 -12.47 -16.34
N ALA A 147 11.75 -12.28 -16.12
CA ALA A 147 12.19 -11.32 -15.11
C ALA A 147 11.62 -9.97 -15.33
N THR A 148 11.74 -9.45 -16.54
CA THR A 148 11.16 -8.13 -16.79
C THR A 148 9.62 -8.15 -16.61
N ALA A 149 8.97 -9.21 -17.08
CA ALA A 149 7.52 -9.31 -16.95
C ALA A 149 7.06 -9.29 -15.49
N HIS A 150 7.75 -10.06 -14.72
CA HIS A 150 7.48 -10.15 -13.32
C HIS A 150 7.71 -8.81 -12.65
N MET A 151 8.81 -8.17 -12.90
CA MET A 151 9.01 -6.84 -12.39
C MET A 151 7.96 -5.80 -12.81
N LEU A 152 7.52 -5.89 -14.06
CA LEU A 152 6.48 -4.97 -14.53
C LEU A 152 5.19 -5.16 -13.76
N ARG A 153 4.85 -6.45 -13.45
CA ARG A 153 3.64 -6.75 -12.71
C ARG A 153 3.78 -6.29 -11.30
N GLU A 154 4.94 -6.55 -10.67
CA GLU A 154 5.20 -6.06 -9.28
C GLU A 154 4.97 -4.59 -9.23
N GLY A 155 5.34 -3.82 -10.27
CA GLY A 155 5.22 -2.38 -10.12
C GLY A 155 3.82 -1.99 -10.57
N LEU A 156 3.29 -2.67 -11.59
CA LEU A 156 1.92 -2.42 -11.89
C LEU A 156 0.94 -2.55 -10.71
N ILE A 157 1.08 -3.54 -9.88
CA ILE A 157 0.10 -3.68 -8.80
C ILE A 157 0.21 -2.37 -7.91
N GLU A 158 1.40 -1.84 -7.73
CA GLU A 158 1.50 -0.67 -6.89
C GLU A 158 0.93 0.58 -7.59
N LEU A 159 1.16 0.70 -8.86
CA LEU A 159 0.69 1.86 -9.56
C LEU A 159 -0.82 1.78 -9.58
N GLU A 160 -1.37 0.60 -9.74
CA GLU A 160 -2.85 0.54 -9.87
C GLU A 160 -3.49 0.90 -8.50
N ASP A 161 -2.83 0.44 -7.43
CA ASP A 161 -3.31 0.75 -6.08
C ASP A 161 -3.31 2.28 -5.90
N ASP A 162 -2.24 2.94 -6.31
CA ASP A 162 -2.30 4.45 -6.23
C ASP A 162 -3.34 5.07 -7.08
N ALA A 163 -3.45 4.55 -8.33
CA ALA A 163 -4.40 5.12 -9.25
C ALA A 163 -5.78 4.97 -8.67
N HIS A 164 -6.04 3.82 -8.09
CA HIS A 164 -7.37 3.57 -7.58
C HIS A 164 -7.70 4.41 -6.32
N HIS A 165 -6.70 4.61 -5.48
CA HIS A 165 -6.86 5.55 -4.34
C HIS A 165 -7.25 6.97 -4.85
N ILE A 166 -6.62 7.43 -5.87
CA ILE A 166 -6.93 8.82 -6.37
C ILE A 166 -8.37 8.79 -6.89
N GLU A 167 -8.74 7.66 -7.49
CA GLU A 167 -10.09 7.50 -7.87
C GLU A 167 -11.06 7.63 -6.67
N HIS A 168 -10.80 6.95 -5.59
CA HIS A 168 -11.60 7.15 -4.41
C HIS A 168 -11.58 8.56 -3.82
N TYR A 169 -10.47 9.24 -3.85
CA TYR A 169 -10.41 10.57 -3.33
C TYR A 169 -11.39 11.49 -4.08
N LEU A 170 -11.56 11.22 -5.40
CA LEU A 170 -12.36 11.99 -6.29
C LEU A 170 -13.85 11.58 -6.35
N GLU A 171 -14.24 10.47 -5.74
CA GLU A 171 -15.60 9.96 -5.76
C GLU A 171 -16.57 10.93 -5.07
N ASP A 172 -17.87 10.83 -5.46
CA ASP A 172 -18.83 11.76 -4.88
C ASP A 172 -19.45 11.31 -3.56
N ASP A 173 -18.66 11.33 -2.52
CA ASP A 173 -19.22 11.07 -1.23
C ASP A 173 -18.37 11.84 -0.24
N THR A 174 -18.90 12.07 0.93
CA THR A 174 -18.09 12.74 1.96
C THR A 174 -18.88 12.66 3.25
N LEU A 175 -18.19 12.77 4.35
CA LEU A 175 -18.89 12.88 5.61
C LEU A 175 -19.53 14.25 5.79
N VAL A 176 -19.06 15.23 5.01
CA VAL A 176 -19.45 16.61 5.22
C VAL A 176 -20.94 16.76 4.91
N THR A 177 -21.68 17.51 5.73
CA THR A 177 -23.07 17.81 5.46
C THR A 177 -23.28 19.34 5.34
N GLN A 178 -24.34 19.73 4.66
CA GLN A 178 -24.75 21.14 4.66
C GLN A 178 -24.89 21.60 6.13
N GLY A 179 -25.61 20.83 6.93
CA GLY A 179 -25.58 21.05 8.36
C GLY A 179 -24.24 21.57 8.87
N ALA A 180 -23.15 20.81 8.73
CA ALA A 180 -21.93 21.22 9.39
C ALA A 180 -21.27 22.36 8.61
N LEU A 181 -21.80 22.67 7.45
CA LEU A 181 -21.24 23.71 6.66
C LEU A 181 -21.68 24.95 7.32
N ALA B 7 -6.73 28.73 -11.43
CA ALA B 7 -5.41 28.41 -10.80
C ALA B 7 -5.31 28.82 -9.33
N ARG B 8 -4.88 27.96 -8.45
CA ARG B 8 -4.81 28.40 -7.05
C ARG B 8 -3.66 29.37 -6.88
N ALA B 9 -2.58 29.14 -7.61
CA ALA B 9 -1.38 29.98 -7.50
C ALA B 9 -0.63 29.98 -8.80
N THR B 10 0.10 31.06 -9.05
CA THR B 10 0.75 31.28 -10.29
C THR B 10 2.16 31.06 -10.02
N ALA B 11 2.85 30.37 -10.90
CA ALA B 11 4.29 30.17 -10.75
C ALA B 11 4.82 31.48 -10.59
N GLY B 12 5.75 31.62 -9.69
CA GLY B 12 6.47 32.87 -9.55
C GLY B 12 5.85 33.82 -8.52
N GLU B 13 4.55 33.62 -8.19
CA GLU B 13 3.86 34.40 -7.11
C GLU B 13 4.38 33.94 -5.77
N VAL B 14 4.62 34.88 -4.87
CA VAL B 14 5.06 34.60 -3.55
C VAL B 14 4.28 35.47 -2.62
N GLU B 15 3.48 34.84 -1.77
CA GLU B 15 2.52 35.57 -0.94
C GLU B 15 2.91 35.75 0.53
N GLY B 16 4.10 35.26 0.87
CA GLY B 16 4.51 35.12 2.25
C GLY B 16 3.53 34.19 2.97
N SER B 17 3.59 34.27 4.29
CA SER B 17 2.71 33.51 5.12
C SER B 17 2.34 34.27 6.36
N ASP B 18 1.06 34.38 6.57
CA ASP B 18 0.53 34.89 7.83
C ASP B 18 0.87 33.90 8.99
N ALA B 19 0.82 32.58 8.74
CA ALA B 19 1.12 31.68 9.86
C ALA B 19 2.47 31.83 10.36
N LEU B 20 3.41 31.98 9.41
CA LEU B 20 4.83 32.05 9.80
C LEU B 20 5.34 33.52 9.98
N ARG B 21 4.44 34.49 9.94
CA ARG B 21 4.78 35.93 10.10
C ARG B 21 5.96 36.31 9.25
N MET B 22 5.83 36.03 7.99
CA MET B 22 6.85 36.36 7.02
C MET B 22 6.05 37.05 5.90
N ASP B 23 6.19 38.37 5.86
CA ASP B 23 5.60 39.18 4.78
C ASP B 23 6.25 38.77 3.48
N ALA B 24 5.51 38.95 2.40
CA ALA B 24 5.88 38.53 1.01
C ALA B 24 7.18 39.13 0.54
N ASP B 25 7.48 40.30 1.04
CA ASP B 25 8.70 40.95 0.67
C ASP B 25 9.91 40.13 1.12
N ARG B 26 10.08 39.93 2.43
CA ARG B 26 11.10 39.07 2.90
C ARG B 26 10.96 37.66 2.29
N ALA B 27 9.75 37.12 2.21
CA ALA B 27 9.61 35.74 1.78
C ALA B 27 10.12 35.51 0.36
N GLU B 28 9.80 36.44 -0.51
CA GLU B 28 10.21 36.34 -1.91
C GLU B 28 11.78 36.36 -2.06
N GLN B 29 12.48 36.96 -1.11
CA GLN B 29 13.91 36.89 -1.24
C GLN B 29 14.35 35.44 -0.88
N CYS B 30 13.68 34.73 0.05
CA CYS B 30 14.14 33.37 0.37
C CYS B 30 13.65 32.42 -0.66
N VAL B 31 12.43 32.65 -1.14
CA VAL B 31 11.84 31.74 -2.05
C VAL B 31 12.59 31.72 -3.33
N ASP B 32 12.91 32.90 -3.89
CA ASP B 32 13.80 32.98 -5.07
C ASP B 32 15.08 32.23 -4.96
N ALA B 33 15.73 32.28 -3.80
CA ALA B 33 16.98 31.58 -3.54
C ALA B 33 16.75 30.03 -3.33
N LEU B 34 15.64 29.66 -2.71
CA LEU B 34 15.39 28.22 -2.43
C LEU B 34 14.94 27.54 -3.71
N ASN B 35 14.13 28.23 -4.50
CA ASN B 35 13.79 27.71 -5.83
C ASN B 35 14.99 27.47 -6.68
N ALA B 36 16.00 28.33 -6.57
CA ALA B 36 17.13 28.17 -7.46
C ALA B 36 17.85 26.93 -6.98
N ASP B 37 17.98 26.83 -5.68
CA ASP B 37 18.51 25.67 -5.05
C ASP B 37 17.75 24.44 -5.49
N LEU B 38 16.43 24.46 -5.37
CA LEU B 38 15.64 23.29 -5.69
C LEU B 38 15.98 22.74 -7.09
N ALA B 39 16.09 23.62 -8.08
CA ALA B 39 16.20 23.13 -9.43
C ALA B 39 17.57 22.49 -9.57
N ASN B 40 18.56 23.09 -8.96
CA ASN B 40 19.86 22.55 -9.07
C ASN B 40 19.91 21.20 -8.36
N VAL B 41 19.34 21.12 -7.19
CA VAL B 41 19.44 19.93 -6.35
C VAL B 41 18.66 18.79 -7.01
N TYR B 42 17.57 19.11 -7.72
CA TYR B 42 16.87 18.10 -8.46
C TYR B 42 17.59 17.64 -9.68
N VAL B 43 18.41 18.47 -10.35
CA VAL B 43 19.20 17.95 -11.47
C VAL B 43 20.29 17.13 -10.87
N LEU B 44 20.85 17.54 -9.76
CA LEU B 44 21.86 16.78 -9.12
C LEU B 44 21.30 15.35 -8.83
N TYR B 45 20.05 15.26 -8.34
CA TYR B 45 19.48 14.00 -7.96
C TYR B 45 19.35 13.15 -9.18
N HIS B 46 18.98 13.74 -10.28
CA HIS B 46 18.69 12.93 -11.47
C HIS B 46 20.05 12.48 -12.06
N GLN B 47 21.11 13.25 -11.88
CA GLN B 47 22.43 12.82 -12.36
C GLN B 47 23.11 11.78 -11.41
N LEU B 48 22.80 11.87 -10.15
CA LEU B 48 23.23 10.88 -9.24
C LEU B 48 22.52 9.56 -9.54
N LYS B 49 21.23 9.62 -9.89
CA LYS B 49 20.46 8.46 -10.24
C LYS B 49 21.10 7.84 -11.43
N LYS B 50 21.44 8.68 -12.38
CA LYS B 50 22.04 8.21 -13.58
C LYS B 50 23.35 7.44 -13.38
N HIS B 51 24.20 8.02 -12.58
CA HIS B 51 25.45 7.40 -12.29
C HIS B 51 25.32 6.11 -11.43
N HIS B 52 24.45 6.17 -10.43
CA HIS B 52 24.01 5.01 -9.67
C HIS B 52 23.63 3.84 -10.59
N TRP B 53 22.80 4.09 -11.60
CA TRP B 53 22.29 3.09 -12.49
C TRP B 53 23.38 2.54 -13.32
N ASN B 54 24.22 3.40 -13.81
CA ASN B 54 25.17 3.02 -14.84
C ASN B 54 26.61 2.67 -14.38
N VAL B 55 26.99 2.96 -13.15
CA VAL B 55 28.37 2.76 -12.75
C VAL B 55 28.72 1.28 -12.90
N GLU B 56 29.88 0.96 -13.50
CA GLU B 56 30.29 -0.40 -13.69
C GLU B 56 31.74 -0.51 -13.35
N GLY B 57 32.25 -1.71 -13.17
CA GLY B 57 33.66 -1.94 -13.02
C GLY B 57 34.03 -2.36 -11.63
N ALA B 58 35.32 -2.42 -11.35
CA ALA B 58 35.82 -2.93 -10.08
C ALA B 58 35.23 -2.41 -8.81
N GLU B 59 34.83 -1.18 -8.80
CA GLU B 59 34.38 -0.64 -7.55
C GLU B 59 32.91 -0.38 -7.67
N PHE B 60 32.22 -1.05 -8.58
CA PHE B 60 30.91 -0.47 -8.94
C PHE B 60 29.94 -0.66 -7.78
N ARG B 61 30.03 -1.73 -7.01
CA ARG B 61 28.96 -1.97 -6.09
C ARG B 61 28.96 -0.93 -5.01
N ASP B 62 30.11 -0.76 -4.41
CA ASP B 62 30.22 0.36 -3.45
C ASP B 62 29.74 1.76 -3.98
N LEU B 63 30.01 2.05 -5.25
CA LEU B 63 29.73 3.35 -5.79
C LEU B 63 28.27 3.39 -6.01
N HIS B 64 27.72 2.25 -6.33
CA HIS B 64 26.35 2.17 -6.68
C HIS B 64 25.58 2.53 -5.42
N LEU B 65 26.06 1.96 -4.34
CA LEU B 65 25.39 2.09 -3.05
C LEU B 65 25.60 3.55 -2.70
N PHE B 66 26.82 4.06 -2.87
CA PHE B 66 27.07 5.44 -2.45
C PHE B 66 26.20 6.38 -3.23
N LEU B 67 26.10 6.18 -4.54
CA LEU B 67 25.36 7.09 -5.41
C LEU B 67 23.87 7.09 -5.20
N GLY B 68 23.31 5.92 -4.86
CA GLY B 68 21.93 5.81 -4.51
C GLY B 68 21.61 6.51 -3.22
N GLU B 69 22.49 6.37 -2.20
CA GLU B 69 22.38 7.14 -0.95
C GLU B 69 22.45 8.69 -1.19
N ALA B 70 23.43 9.10 -2.01
CA ALA B 70 23.64 10.50 -2.37
C ALA B 70 22.42 11.04 -3.04
N ALA B 71 21.87 10.26 -3.95
CA ALA B 71 20.65 10.67 -4.63
C ALA B 71 19.49 10.74 -3.63
N GLU B 72 19.41 9.84 -2.71
CA GLU B 72 18.37 9.93 -1.69
C GLU B 72 18.54 11.22 -0.86
N THR B 73 19.75 11.54 -0.49
CA THR B 73 20.02 12.72 0.29
C THR B 73 19.66 13.95 -0.57
N ALA B 74 19.96 13.96 -1.88
CA ALA B 74 19.65 15.24 -2.67
C ALA B 74 18.13 15.29 -2.73
N GLU B 75 17.50 14.13 -2.80
CA GLU B 75 16.04 14.12 -2.95
C GLU B 75 15.31 14.74 -1.75
N GLU B 76 15.86 14.46 -0.58
CA GLU B 76 15.30 14.89 0.65
C GLU B 76 15.55 16.38 0.79
N VAL B 77 16.73 16.81 0.38
CA VAL B 77 17.05 18.22 0.46
C VAL B 77 16.10 18.92 -0.51
N ALA B 78 15.94 18.43 -1.72
CA ALA B 78 14.99 19.02 -2.62
C ALA B 78 13.63 19.13 -1.97
N ASP B 79 13.20 18.01 -1.36
CA ASP B 79 11.89 18.04 -0.74
C ASP B 79 11.86 19.15 0.35
N GLU B 80 12.85 19.26 1.20
CA GLU B 80 12.79 20.26 2.22
C GLU B 80 12.73 21.70 1.60
N LEU B 81 13.53 21.95 0.55
CA LEU B 81 13.49 23.21 -0.22
C LEU B 81 12.14 23.54 -0.80
N ALA B 82 11.57 22.57 -1.51
CA ALA B 82 10.35 22.87 -2.19
C ALA B 82 9.32 23.14 -1.13
N GLU B 83 9.34 22.38 -0.06
CA GLU B 83 8.32 22.62 0.95
C GLU B 83 8.46 23.95 1.64
N ARG B 84 9.68 24.38 1.82
CA ARG B 84 9.94 25.68 2.40
C ARG B 84 9.40 26.77 1.52
N VAL B 85 9.61 26.58 0.24
CA VAL B 85 9.16 27.51 -0.72
C VAL B 85 7.69 27.71 -0.59
N GLN B 86 6.98 26.60 -0.51
CA GLN B 86 5.56 26.62 -0.45
C GLN B 86 5.18 27.27 0.90
N ALA B 87 5.90 26.91 1.96
CA ALA B 87 5.50 27.38 3.25
C ALA B 87 5.62 28.92 3.17
N LEU B 88 6.58 29.46 2.41
CA LEU B 88 6.77 30.88 2.32
C LEU B 88 5.85 31.53 1.34
N GLY B 89 4.85 30.82 0.83
CA GLY B 89 3.84 31.34 -0.06
C GLY B 89 4.31 31.32 -1.48
N GLY B 90 5.33 30.56 -1.79
CA GLY B 90 5.80 30.42 -3.13
C GLY B 90 5.35 29.17 -3.83
N VAL B 91 5.84 28.99 -5.04
CA VAL B 91 5.51 27.85 -5.84
C VAL B 91 6.79 27.17 -6.20
N PRO B 92 7.04 25.99 -5.68
CA PRO B 92 8.31 25.35 -6.04
C PRO B 92 8.29 24.79 -7.50
N HIS B 93 9.43 24.92 -8.16
CA HIS B 93 9.59 24.40 -9.53
C HIS B 93 9.27 22.92 -9.47
N ALA B 94 8.48 22.48 -10.46
CA ALA B 94 7.98 21.15 -10.33
C ALA B 94 8.28 20.25 -11.51
N SER B 95 7.94 20.60 -12.76
CA SER B 95 8.11 19.59 -13.82
C SER B 95 9.55 19.35 -14.04
N PRO B 96 9.90 18.22 -14.58
CA PRO B 96 11.33 17.97 -14.88
C PRO B 96 11.93 19.05 -15.80
N GLU B 97 11.25 19.39 -16.91
CA GLU B 97 11.63 20.49 -17.83
C GLU B 97 11.93 21.76 -17.07
N THR B 98 11.03 22.17 -16.16
CA THR B 98 11.23 23.39 -15.38
C THR B 98 12.44 23.23 -14.50
N LEU B 99 12.61 22.09 -13.86
CA LEU B 99 13.75 21.97 -12.97
C LEU B 99 15.08 22.10 -13.73
N GLN B 100 15.14 21.52 -14.92
CA GLN B 100 16.41 21.60 -15.67
C GLN B 100 16.62 22.98 -16.22
N ALA B 101 15.56 23.63 -16.74
CA ALA B 101 15.70 24.98 -17.31
C ALA B 101 16.13 25.97 -16.22
N GLU B 102 15.74 25.77 -14.96
CA GLU B 102 15.96 26.81 -13.98
C GLU B 102 17.22 26.44 -13.26
N ALA B 103 17.69 25.20 -13.46
CA ALA B 103 19.02 24.89 -12.93
C ALA B 103 20.13 25.67 -13.65
N SER B 104 21.06 26.16 -12.87
CA SER B 104 22.25 26.79 -13.36
C SER B 104 23.38 25.77 -13.53
N VAL B 105 23.27 24.54 -12.98
CA VAL B 105 24.45 23.66 -12.97
C VAL B 105 24.49 22.98 -14.29
N ASP B 106 25.65 22.47 -14.70
CA ASP B 106 25.77 21.85 -16.04
C ASP B 106 25.32 20.40 -15.90
N VAL B 107 24.62 19.88 -16.90
CA VAL B 107 24.08 18.51 -16.79
C VAL B 107 24.53 17.70 -17.97
N GLU B 108 24.82 16.43 -17.73
CA GLU B 108 25.52 15.67 -18.76
C GLU B 108 24.56 15.40 -19.87
N ASP B 109 25.01 15.23 -21.10
CA ASP B 109 24.06 14.79 -22.11
C ASP B 109 23.70 13.37 -21.82
N GLU B 110 22.84 12.81 -22.66
CA GLU B 110 22.34 11.49 -22.41
C GLU B 110 23.36 10.33 -22.60
N ASP B 111 24.55 10.59 -23.11
CA ASP B 111 25.52 9.49 -23.14
C ASP B 111 25.94 9.15 -21.71
N VAL B 112 26.56 7.97 -21.58
CA VAL B 112 27.06 7.42 -20.32
C VAL B 112 28.53 7.59 -20.42
N TYR B 113 29.09 8.18 -19.42
CA TYR B 113 30.54 8.35 -19.42
C TYR B 113 31.19 7.46 -18.40
N ASP B 114 32.49 7.36 -18.37
CA ASP B 114 33.14 6.45 -17.42
C ASP B 114 33.01 6.97 -16.00
N ILE B 115 33.36 6.16 -14.99
CA ILE B 115 32.98 6.57 -13.67
C ILE B 115 33.74 7.80 -13.25
N ARG B 116 35.01 7.92 -13.64
CA ARG B 116 35.79 9.08 -13.16
C ARG B 116 35.29 10.45 -13.64
N THR B 117 34.86 10.45 -14.86
CA THR B 117 34.28 11.59 -15.54
C THR B 117 32.93 11.87 -14.94
N SER B 118 32.11 10.84 -14.88
CA SER B 118 30.83 10.97 -14.24
C SER B 118 30.94 11.60 -12.82
N LEU B 119 31.79 11.13 -11.97
CA LEU B 119 31.96 11.63 -10.62
C LEU B 119 32.45 13.06 -10.59
N ALA B 120 33.49 13.41 -11.40
CA ALA B 120 34.01 14.80 -11.52
C ALA B 120 32.89 15.74 -12.03
N ASN B 121 32.09 15.34 -13.04
CA ASN B 121 30.88 16.14 -13.31
C ASN B 121 29.93 16.34 -12.07
N ASP B 122 29.66 15.28 -11.30
CA ASP B 122 28.82 15.40 -10.05
C ASP B 122 29.45 16.34 -9.04
N MET B 123 30.77 16.28 -8.89
CA MET B 123 31.38 17.07 -7.90
C MET B 123 31.32 18.51 -8.27
N ALA B 124 31.44 18.85 -9.55
CA ALA B 124 31.20 20.19 -10.02
C ALA B 124 29.86 20.73 -9.63
N ILE B 125 28.79 20.06 -10.00
CA ILE B 125 27.47 20.30 -9.44
C ILE B 125 27.44 20.56 -7.90
N TYR B 126 27.98 19.67 -7.14
CA TYR B 126 27.88 19.83 -5.68
C TYR B 126 28.56 21.15 -5.32
N GLY B 127 29.65 21.50 -5.99
CA GLY B 127 30.45 22.61 -5.55
C GLY B 127 29.60 23.85 -5.76
N ASP B 128 28.91 23.91 -6.88
CA ASP B 128 28.11 25.07 -7.21
C ASP B 128 26.92 25.18 -6.27
N ILE B 129 26.32 23.98 -5.93
CA ILE B 129 25.29 24.01 -4.97
C ILE B 129 25.78 24.36 -3.65
N ILE B 130 26.97 23.97 -3.31
CA ILE B 130 27.43 24.20 -1.93
C ILE B 130 27.68 25.70 -1.70
N GLU B 131 28.23 26.39 -2.71
CA GLU B 131 28.55 27.82 -2.57
C GLU B 131 27.28 28.64 -2.55
N ALA B 132 26.41 28.41 -3.54
CA ALA B 132 25.05 28.97 -3.51
C ALA B 132 24.43 28.77 -2.12
N THR B 133 24.57 27.58 -1.56
CA THR B 133 23.83 27.29 -0.33
C THR B 133 24.37 28.08 0.86
N ARG B 134 25.69 28.12 0.97
CA ARG B 134 26.35 29.01 1.87
C ARG B 134 25.79 30.40 1.67
N GLU B 135 25.59 30.87 0.43
CA GLU B 135 25.16 32.27 0.24
C GLU B 135 23.76 32.47 0.76
N HIS B 136 22.90 31.49 0.49
CA HIS B 136 21.52 31.59 0.88
C HIS B 136 21.39 31.45 2.34
N THR B 137 22.31 30.82 2.97
CA THR B 137 22.10 30.77 4.40
C THR B 137 22.41 32.13 5.06
N GLU B 138 23.26 32.90 4.42
CA GLU B 138 23.55 34.17 5.05
C GLU B 138 22.41 35.04 4.67
N LEU B 139 21.87 34.89 3.44
CA LEU B 139 20.65 35.59 3.07
C LEU B 139 19.49 35.36 4.04
N ALA B 140 19.08 34.11 4.25
CA ALA B 140 18.11 33.78 5.27
C ALA B 140 18.42 34.35 6.63
N GLU B 141 19.64 34.18 7.19
CA GLU B 141 19.87 34.76 8.50
C GLU B 141 19.65 36.33 8.45
N ASN B 142 19.99 36.96 7.35
CA ASN B 142 19.99 38.40 7.35
C ASN B 142 18.58 38.83 7.22
N LEU B 143 17.73 38.05 6.56
CA LEU B 143 16.30 38.39 6.70
C LEU B 143 15.72 37.92 8.02
N GLY B 144 16.53 37.41 8.93
CA GLY B 144 15.95 36.92 10.16
C GLY B 144 15.04 35.66 9.97
N ASP B 145 15.11 35.01 8.79
CA ASP B 145 14.41 33.73 8.55
C ASP B 145 15.34 32.62 9.08
N HIS B 146 15.32 32.43 10.37
CA HIS B 146 16.30 31.54 10.97
C HIS B 146 15.91 30.10 10.73
N ALA B 147 14.62 29.81 10.54
CA ALA B 147 14.24 28.42 10.17
C ALA B 147 14.85 28.03 8.84
N THR B 148 14.77 28.94 7.89
CA THR B 148 15.26 28.67 6.57
C THR B 148 16.75 28.49 6.70
N ALA B 149 17.40 29.31 7.51
CA ALA B 149 18.83 29.26 7.53
C ALA B 149 19.28 27.94 8.13
N HIS B 150 18.54 27.52 9.19
CA HIS B 150 18.79 26.29 9.93
C HIS B 150 18.58 25.13 8.95
N MET B 151 17.50 25.09 8.23
CA MET B 151 17.32 24.01 7.23
C MET B 151 18.41 24.04 6.11
N LEU B 152 18.79 25.20 5.67
CA LEU B 152 19.83 25.27 4.64
C LEU B 152 21.11 24.62 5.17
N ARG B 153 21.51 24.92 6.41
CA ARG B 153 22.75 24.39 7.00
C ARG B 153 22.65 22.86 7.21
N GLU B 154 21.50 22.41 7.64
CA GLU B 154 21.18 20.96 7.86
C GLU B 154 21.29 20.25 6.51
N GLY B 155 20.90 20.84 5.41
CA GLY B 155 21.05 20.12 4.15
C GLY B 155 22.45 20.35 3.65
N LEU B 156 23.02 21.53 3.96
CA LEU B 156 24.46 21.75 3.54
C LEU B 156 25.45 20.74 4.02
N ILE B 157 25.33 20.41 5.26
CA ILE B 157 26.33 19.57 5.81
C ILE B 157 26.22 18.15 5.17
N GLU B 158 25.02 17.72 4.78
CA GLU B 158 24.90 16.43 4.04
C GLU B 158 25.39 16.60 2.59
N LEU B 159 25.14 17.75 1.97
CA LEU B 159 25.61 17.92 0.60
C LEU B 159 27.19 17.95 0.59
N GLU B 160 27.81 18.64 1.55
CA GLU B 160 29.28 18.66 1.56
C GLU B 160 29.86 17.28 1.93
N ASP B 161 29.17 16.54 2.76
CA ASP B 161 29.68 15.19 3.07
C ASP B 161 29.67 14.37 1.81
N ASP B 162 28.64 14.42 0.96
CA ASP B 162 28.72 13.65 -0.32
C ASP B 162 29.70 14.22 -1.28
N ALA B 163 29.79 15.55 -1.38
CA ALA B 163 30.75 16.20 -2.27
C ALA B 163 32.14 15.70 -1.88
N HIS B 164 32.41 15.68 -0.56
CA HIS B 164 33.73 15.27 -0.04
C HIS B 164 33.98 13.75 -0.33
N HIS B 165 32.92 12.95 -0.29
CA HIS B 165 33.12 11.53 -0.55
C HIS B 165 33.57 11.38 -1.96
N ILE B 166 32.96 12.13 -2.85
CA ILE B 166 33.21 11.97 -4.20
C ILE B 166 34.66 12.36 -4.50
N GLU B 167 35.10 13.45 -3.84
CA GLU B 167 36.46 13.90 -3.88
C GLU B 167 37.37 12.76 -3.43
N HIS B 168 36.99 12.02 -2.39
CA HIS B 168 37.87 10.90 -1.99
C HIS B 168 37.93 9.77 -2.95
N TYR B 169 36.87 9.57 -3.71
CA TYR B 169 36.83 8.48 -4.72
C TYR B 169 37.74 8.80 -5.77
N LEU B 170 37.92 10.11 -5.96
CA LEU B 170 38.67 10.56 -7.15
C LEU B 170 40.12 10.82 -6.87
N GLU B 171 40.56 10.62 -5.62
CA GLU B 171 41.95 10.82 -5.17
C GLU B 171 42.93 9.78 -5.71
N ASP B 172 44.18 10.16 -5.72
CA ASP B 172 45.22 9.34 -6.36
C ASP B 172 45.79 8.32 -5.43
N ASP B 173 44.95 7.48 -4.93
CA ASP B 173 45.44 6.37 -4.17
C ASP B 173 44.63 5.16 -4.53
N THR B 174 45.23 4.02 -4.32
CA THR B 174 44.53 2.78 -4.42
C THR B 174 45.35 1.73 -3.73
N LEU B 175 44.66 0.66 -3.39
CA LEU B 175 45.33 -0.55 -2.95
C LEU B 175 45.87 -1.31 -4.17
N VAL B 176 45.34 -1.09 -5.35
CA VAL B 176 45.86 -1.83 -6.50
C VAL B 176 47.37 -1.59 -6.69
N THR B 177 48.10 -2.62 -7.14
CA THR B 177 49.49 -2.47 -7.52
C THR B 177 49.69 -3.04 -8.91
N GLN B 178 50.77 -2.58 -9.54
CA GLN B 178 51.15 -3.13 -10.85
C GLN B 178 51.22 -4.64 -10.73
N GLY B 179 51.94 -5.10 -9.72
CA GLY B 179 51.95 -6.50 -9.34
C GLY B 179 50.63 -7.18 -9.58
N ALA B 180 49.60 -6.77 -8.85
CA ALA B 180 48.27 -7.45 -8.99
C ALA B 180 47.63 -7.36 -10.38
N LEU B 181 48.10 -6.40 -11.17
CA LEU B 181 47.52 -6.21 -12.45
C LEU B 181 48.13 -7.39 -13.22
N ALA C 7 -28.92 4.05 -2.33
CA ALA C 7 -27.61 3.27 -2.35
C ALA C 7 -26.57 3.70 -3.39
N ARG C 8 -25.29 3.75 -2.97
CA ARG C 8 -24.18 4.10 -3.82
C ARG C 8 -23.85 3.08 -4.86
N ALA C 9 -24.06 1.81 -4.55
CA ALA C 9 -23.84 0.74 -5.55
C ALA C 9 -24.69 -0.44 -5.22
N THR C 10 -24.95 -1.29 -6.18
CA THR C 10 -25.94 -2.29 -5.97
C THR C 10 -25.22 -3.64 -6.11
N ALA C 11 -25.58 -4.61 -5.27
CA ALA C 11 -24.81 -5.81 -5.33
C ALA C 11 -24.98 -6.28 -6.71
N GLY C 12 -23.92 -6.79 -7.29
CA GLY C 12 -23.88 -7.52 -8.53
C GLY C 12 -23.52 -6.60 -9.65
N GLU C 13 -23.53 -5.29 -9.42
CA GLU C 13 -23.23 -4.38 -10.53
C GLU C 13 -21.75 -4.16 -10.63
N VAL C 14 -21.29 -3.96 -11.82
CA VAL C 14 -19.86 -3.90 -12.00
C VAL C 14 -19.61 -2.81 -13.01
N GLU C 15 -19.07 -1.69 -12.57
CA GLU C 15 -18.91 -0.62 -13.50
C GLU C 15 -17.52 -0.42 -14.15
N GLY C 16 -16.54 -1.29 -13.87
CA GLY C 16 -15.19 -1.08 -14.34
C GLY C 16 -14.60 0.07 -13.61
N SER C 17 -13.48 0.59 -14.11
CA SER C 17 -12.79 1.71 -13.54
C SER C 17 -12.14 2.51 -14.64
N ASP C 18 -12.38 3.80 -14.59
CA ASP C 18 -11.72 4.67 -15.51
C ASP C 18 -10.23 4.85 -15.12
N ALA C 19 -9.96 4.97 -13.82
CA ALA C 19 -8.62 5.08 -13.26
C ALA C 19 -7.72 3.98 -13.69
N LEU C 20 -8.22 2.74 -13.62
CA LEU C 20 -7.47 1.56 -14.01
C LEU C 20 -7.64 1.16 -15.52
N ARG C 21 -8.42 1.93 -16.25
CA ARG C 21 -8.63 1.70 -17.67
C ARG C 21 -8.99 0.28 -17.88
N MET C 22 -9.96 -0.14 -17.07
CA MET C 22 -10.64 -1.40 -17.17
C MET C 22 -12.13 -1.11 -17.42
N ASP C 23 -12.59 -1.41 -18.65
CA ASP C 23 -14.00 -1.25 -19.03
C ASP C 23 -14.77 -2.32 -18.34
N ALA C 24 -16.07 -2.06 -18.19
CA ALA C 24 -17.03 -2.86 -17.45
C ALA C 24 -17.13 -4.26 -17.92
N ASP C 25 -16.99 -4.46 -19.20
CA ASP C 25 -17.01 -5.80 -19.70
C ASP C 25 -15.89 -6.68 -19.16
N ARG C 26 -14.63 -6.28 -19.38
CA ARG C 26 -13.52 -7.02 -18.84
C ARG C 26 -13.64 -7.12 -17.33
N ALA C 27 -13.87 -5.97 -16.69
CA ALA C 27 -14.01 -5.96 -15.24
C ALA C 27 -15.05 -6.95 -14.74
N GLU C 28 -16.13 -7.21 -15.48
CA GLU C 28 -17.23 -8.04 -14.91
C GLU C 28 -16.74 -9.48 -14.93
N GLN C 29 -16.05 -9.81 -15.98
CA GLN C 29 -15.38 -11.03 -15.92
C GLN C 29 -14.48 -11.29 -14.69
N CYS C 30 -13.58 -10.35 -14.28
CA CYS C 30 -12.65 -10.66 -13.15
C CYS C 30 -13.42 -10.62 -11.91
N VAL C 31 -14.27 -9.63 -11.81
CA VAL C 31 -15.10 -9.56 -10.64
C VAL C 31 -15.87 -10.85 -10.34
N ASP C 32 -16.52 -11.40 -11.33
CA ASP C 32 -17.34 -12.54 -11.03
C ASP C 32 -16.45 -13.72 -10.49
N ALA C 33 -15.30 -13.92 -11.08
CA ALA C 33 -14.32 -14.80 -10.48
C ALA C 33 -13.76 -14.40 -9.11
N LEU C 34 -13.45 -13.14 -8.88
CA LEU C 34 -12.82 -12.77 -7.65
C LEU C 34 -13.83 -12.85 -6.59
N ASN C 35 -15.07 -12.49 -6.84
CA ASN C 35 -16.05 -12.57 -5.77
C ASN C 35 -16.31 -14.01 -5.36
N ALA C 36 -16.27 -14.91 -6.33
CA ALA C 36 -16.61 -16.28 -5.96
C ALA C 36 -15.39 -16.77 -5.15
N ASP C 37 -14.15 -16.37 -5.51
CA ASP C 37 -13.02 -16.64 -4.59
C ASP C 37 -13.22 -16.05 -3.23
N LEU C 38 -13.64 -14.79 -3.13
CA LEU C 38 -13.79 -14.12 -1.90
C LEU C 38 -14.62 -14.92 -0.95
N ALA C 39 -15.70 -15.51 -1.48
CA ALA C 39 -16.71 -16.17 -0.60
C ALA C 39 -16.07 -17.39 -0.08
N ASN C 40 -15.40 -18.13 -0.98
CA ASN C 40 -14.75 -19.38 -0.57
C ASN C 40 -13.60 -19.10 0.43
N VAL C 41 -12.83 -18.07 0.17
CA VAL C 41 -11.72 -17.81 1.02
C VAL C 41 -12.16 -17.32 2.39
N TYR C 42 -13.26 -16.60 2.48
CA TYR C 42 -13.77 -16.20 3.75
C TYR C 42 -14.39 -17.34 4.53
N VAL C 43 -14.97 -18.32 3.83
CA VAL C 43 -15.46 -19.41 4.68
C VAL C 43 -14.26 -20.23 5.09
N LEU C 44 -13.28 -20.37 4.20
CA LEU C 44 -12.03 -20.97 4.63
C LEU C 44 -11.47 -20.26 5.92
N TYR C 45 -11.39 -18.95 5.88
CA TYR C 45 -10.94 -18.24 7.02
C TYR C 45 -11.70 -18.58 8.29
N HIS C 46 -13.00 -18.52 8.22
CA HIS C 46 -13.78 -18.91 9.40
C HIS C 46 -13.65 -20.36 9.78
N GLN C 47 -13.52 -21.22 8.82
CA GLN C 47 -13.30 -22.57 9.25
C GLN C 47 -11.86 -22.75 9.96
N LEU C 48 -10.86 -22.08 9.49
CA LEU C 48 -9.55 -22.28 10.05
C LEU C 48 -9.61 -21.66 11.49
N LYS C 49 -10.33 -20.58 11.61
CA LYS C 49 -10.46 -19.94 12.89
C LYS C 49 -11.08 -20.96 13.79
N LYS C 50 -12.10 -21.59 13.31
CA LYS C 50 -12.81 -22.60 14.14
C LYS C 50 -11.83 -23.63 14.60
N HIS C 51 -11.03 -24.16 13.68
CA HIS C 51 -10.16 -25.24 14.00
C HIS C 51 -9.02 -24.82 14.88
N HIS C 52 -8.57 -23.57 14.64
CA HIS C 52 -7.70 -22.89 15.53
C HIS C 52 -8.15 -22.83 16.95
N TRP C 53 -9.40 -22.42 17.17
CA TRP C 53 -9.97 -22.33 18.46
C TRP C 53 -10.12 -23.65 19.09
N ASN C 54 -10.38 -24.71 18.33
CA ASN C 54 -10.88 -25.95 18.96
C ASN C 54 -9.82 -27.04 19.02
N VAL C 55 -8.70 -26.89 18.30
CA VAL C 55 -7.75 -28.00 18.24
C VAL C 55 -7.24 -28.33 19.63
N GLU C 56 -7.18 -29.63 19.96
CA GLU C 56 -6.80 -30.10 21.29
C GLU C 56 -5.93 -31.33 21.06
N GLY C 57 -5.22 -31.73 22.10
CA GLY C 57 -4.42 -32.89 22.05
C GLY C 57 -2.96 -32.70 21.95
N ALA C 58 -2.28 -33.80 21.65
CA ALA C 58 -0.81 -33.88 21.73
C ALA C 58 -0.13 -32.83 20.93
N GLU C 59 -0.76 -32.39 19.85
CA GLU C 59 -0.02 -31.47 18.97
C GLU C 59 -0.70 -30.21 18.88
N PHE C 60 -1.49 -29.83 19.85
CA PHE C 60 -2.47 -28.76 19.68
C PHE C 60 -1.78 -27.38 19.54
N ARG C 61 -0.72 -27.11 20.31
CA ARG C 61 -0.20 -25.79 20.33
C ARG C 61 0.47 -25.37 19.02
N ASP C 62 1.28 -26.23 18.47
CA ASP C 62 1.69 -26.07 17.15
C ASP C 62 0.55 -25.87 16.06
N LEU C 63 -0.49 -26.71 16.11
CA LEU C 63 -1.54 -26.63 15.11
C LEU C 63 -2.34 -25.30 15.31
N HIS C 64 -2.53 -24.99 16.54
CA HIS C 64 -3.20 -23.76 16.97
C HIS C 64 -2.49 -22.62 16.40
N LEU C 65 -1.15 -22.70 16.32
CA LEU C 65 -0.37 -21.52 15.82
C LEU C 65 -0.38 -21.52 14.31
N PHE C 66 -0.23 -22.67 13.71
CA PHE C 66 -0.30 -22.81 12.29
C PHE C 66 -1.68 -22.42 11.74
N LEU C 67 -2.77 -22.86 12.39
CA LEU C 67 -4.14 -22.54 11.97
C LEU C 67 -4.42 -21.09 12.14
N GLY C 68 -3.89 -20.47 13.18
CA GLY C 68 -4.07 -19.03 13.32
C GLY C 68 -3.37 -18.28 12.22
N GLU C 69 -2.21 -18.76 11.84
CA GLU C 69 -1.49 -18.11 10.76
C GLU C 69 -2.15 -18.32 9.45
N ALA C 70 -2.66 -19.54 9.22
CA ALA C 70 -3.34 -19.90 8.02
C ALA C 70 -4.67 -19.12 7.90
N ALA C 71 -5.42 -18.97 9.00
CA ALA C 71 -6.53 -17.99 9.04
C ALA C 71 -6.06 -16.58 8.61
N GLU C 72 -5.04 -16.07 9.24
CA GLU C 72 -4.58 -14.70 8.92
C GLU C 72 -4.22 -14.59 7.38
N THR C 73 -3.49 -15.56 6.83
CA THR C 73 -3.21 -15.59 5.45
C THR C 73 -4.52 -15.61 4.63
N ALA C 74 -5.49 -16.38 5.06
CA ALA C 74 -6.71 -16.43 4.25
C ALA C 74 -7.43 -15.02 4.29
N GLU C 75 -7.45 -14.41 5.49
CA GLU C 75 -8.00 -13.12 5.74
C GLU C 75 -7.40 -12.07 4.84
N GLU C 76 -6.10 -12.17 4.55
CA GLU C 76 -5.45 -11.16 3.83
C GLU C 76 -5.67 -11.46 2.40
N VAL C 77 -5.79 -12.72 2.02
CA VAL C 77 -6.18 -13.03 0.68
C VAL C 77 -7.63 -12.50 0.38
N ALA C 78 -8.53 -12.74 1.29
CA ALA C 78 -9.85 -12.24 1.18
C ALA C 78 -9.85 -10.74 1.00
N ASP C 79 -9.07 -10.03 1.82
CA ASP C 79 -9.02 -8.60 1.70
C ASP C 79 -8.54 -8.16 0.37
N GLU C 80 -7.45 -8.70 -0.14
CA GLU C 80 -6.93 -8.32 -1.45
C GLU C 80 -8.00 -8.59 -2.55
N LEU C 81 -8.67 -9.76 -2.51
CA LEU C 81 -9.74 -10.12 -3.41
C LEU C 81 -10.87 -9.05 -3.43
N ALA C 82 -11.29 -8.64 -2.25
CA ALA C 82 -12.44 -7.86 -2.12
C ALA C 82 -12.06 -6.50 -2.55
N GLU C 83 -10.84 -6.07 -2.22
CA GLU C 83 -10.39 -4.75 -2.59
C GLU C 83 -10.18 -4.69 -4.09
N ARG C 84 -9.75 -5.81 -4.69
CA ARG C 84 -9.68 -5.80 -6.14
C ARG C 84 -11.07 -5.71 -6.75
N VAL C 85 -11.99 -6.49 -6.24
CA VAL C 85 -13.35 -6.39 -6.79
C VAL C 85 -13.82 -4.97 -6.81
N GLN C 86 -13.62 -4.28 -5.69
CA GLN C 86 -14.05 -2.90 -5.56
C GLN C 86 -13.33 -2.03 -6.56
N ALA C 87 -12.07 -2.29 -6.76
CA ALA C 87 -11.30 -1.42 -7.59
C ALA C 87 -11.78 -1.59 -9.04
N LEU C 88 -12.30 -2.76 -9.36
CA LEU C 88 -12.76 -3.05 -10.70
C LEU C 88 -14.21 -2.51 -10.88
N GLY C 89 -14.75 -1.86 -9.86
CA GLY C 89 -16.06 -1.25 -9.91
C GLY C 89 -17.13 -2.22 -9.48
N GLY C 90 -16.80 -3.30 -8.78
CA GLY C 90 -17.81 -4.23 -8.30
C GLY C 90 -18.09 -4.14 -6.83
N VAL C 91 -18.93 -5.00 -6.30
CA VAL C 91 -19.34 -4.97 -4.89
C VAL C 91 -18.90 -6.24 -4.27
N PRO C 92 -17.95 -6.21 -3.37
CA PRO C 92 -17.46 -7.52 -2.89
C PRO C 92 -18.51 -8.06 -1.92
N HIS C 93 -18.72 -9.35 -1.93
CA HIS C 93 -19.66 -9.95 -1.01
C HIS C 93 -19.24 -9.59 0.40
N ALA C 94 -20.19 -9.26 1.29
CA ALA C 94 -19.78 -8.66 2.56
C ALA C 94 -20.30 -9.40 3.80
N SER C 95 -21.59 -9.59 3.91
CA SER C 95 -22.09 -10.11 5.12
C SER C 95 -21.80 -11.57 5.14
N PRO C 96 -21.76 -12.10 6.35
CA PRO C 96 -21.38 -13.53 6.58
C PRO C 96 -22.31 -14.46 5.89
N GLU C 97 -23.57 -14.09 5.89
CA GLU C 97 -24.56 -14.97 5.29
C GLU C 97 -24.38 -14.91 3.75
N THR C 98 -24.13 -13.73 3.20
CA THR C 98 -23.76 -13.69 1.74
C THR C 98 -22.51 -14.43 1.38
N LEU C 99 -21.45 -14.26 2.18
CA LEU C 99 -20.23 -15.02 1.95
C LEU C 99 -20.51 -16.55 1.97
N GLN C 100 -21.24 -17.07 2.95
CA GLN C 100 -21.42 -18.58 2.93
C GLN C 100 -22.36 -19.05 1.80
N ALA C 101 -23.40 -18.26 1.58
CA ALA C 101 -24.33 -18.55 0.51
C ALA C 101 -23.64 -18.55 -0.84
N GLU C 102 -22.61 -17.73 -1.06
CA GLU C 102 -22.00 -17.59 -2.41
C GLU C 102 -20.81 -18.49 -2.56
N ALA C 103 -20.44 -19.16 -1.49
CA ALA C 103 -19.31 -20.11 -1.54
C ALA C 103 -19.70 -21.35 -2.14
N SER C 104 -18.83 -21.92 -2.93
CA SER C 104 -19.08 -23.23 -3.40
C SER C 104 -18.39 -24.28 -2.57
N VAL C 105 -17.54 -23.92 -1.60
CA VAL C 105 -16.92 -25.03 -0.83
C VAL C 105 -17.88 -25.64 0.21
N ASP C 106 -17.54 -26.85 0.70
CA ASP C 106 -18.30 -27.44 1.78
C ASP C 106 -17.88 -26.84 3.11
N VAL C 107 -18.85 -26.56 3.96
CA VAL C 107 -18.47 -26.04 5.25
C VAL C 107 -19.01 -26.95 6.29
N GLU C 108 -18.19 -27.23 7.30
CA GLU C 108 -18.58 -28.10 8.39
C GLU C 108 -19.75 -27.53 9.07
N ASP C 109 -20.58 -28.40 9.65
CA ASP C 109 -21.65 -27.92 10.47
C ASP C 109 -21.01 -27.41 11.76
N GLU C 110 -21.84 -26.98 12.70
CA GLU C 110 -21.30 -26.32 13.90
C GLU C 110 -20.75 -27.30 14.99
N ASP C 111 -20.81 -28.61 14.78
CA ASP C 111 -20.16 -29.49 15.73
C ASP C 111 -18.63 -29.43 15.46
N VAL C 112 -17.86 -29.94 16.40
CA VAL C 112 -16.40 -29.88 16.40
C VAL C 112 -15.92 -31.33 16.17
N TYR C 113 -15.13 -31.48 15.16
CA TYR C 113 -14.63 -32.75 14.82
C TYR C 113 -13.17 -32.95 15.30
N ASP C 114 -12.71 -34.18 15.43
CA ASP C 114 -11.38 -34.35 15.84
C ASP C 114 -10.43 -33.68 14.82
N ILE C 115 -9.16 -33.58 15.18
CA ILE C 115 -8.30 -32.73 14.38
C ILE C 115 -7.99 -33.30 12.97
N ARG C 116 -7.79 -34.62 12.79
CA ARG C 116 -7.65 -35.17 11.41
C ARG C 116 -8.81 -34.82 10.47
N THR C 117 -10.03 -34.92 10.98
CA THR C 117 -11.26 -34.72 10.16
C THR C 117 -11.30 -33.26 9.86
N SER C 118 -11.17 -32.42 10.88
CA SER C 118 -11.14 -30.94 10.67
C SER C 118 -10.08 -30.57 9.59
N LEU C 119 -8.88 -31.04 9.71
CA LEU C 119 -7.87 -30.65 8.75
C LEU C 119 -8.11 -31.27 7.41
N ALA C 120 -8.64 -32.48 7.37
CA ALA C 120 -9.06 -33.02 6.02
C ALA C 120 -10.09 -32.14 5.30
N ASN C 121 -11.12 -31.71 6.01
CA ASN C 121 -12.10 -30.74 5.50
C ASN C 121 -11.43 -29.42 5.02
N ASP C 122 -10.52 -28.82 5.81
CA ASP C 122 -9.79 -27.66 5.34
C ASP C 122 -9.07 -28.00 4.11
N MET C 123 -8.47 -29.15 4.09
CA MET C 123 -7.70 -29.47 2.93
C MET C 123 -8.58 -29.47 1.65
N ALA C 124 -9.80 -30.02 1.78
CA ALA C 124 -10.80 -30.08 0.68
C ALA C 124 -11.06 -28.63 0.25
N ILE C 125 -11.36 -27.75 1.19
CA ILE C 125 -11.55 -26.37 0.90
C ILE C 125 -10.37 -25.78 0.16
N TYR C 126 -9.12 -25.91 0.68
CA TYR C 126 -7.96 -25.34 -0.06
C TYR C 126 -7.88 -25.82 -1.51
N GLY C 127 -8.07 -27.09 -1.73
CA GLY C 127 -7.88 -27.66 -3.08
C GLY C 127 -8.87 -27.03 -4.04
N ASP C 128 -10.09 -26.88 -3.60
CA ASP C 128 -11.04 -26.27 -4.46
C ASP C 128 -10.66 -24.87 -4.77
N ILE C 129 -10.30 -24.05 -3.77
CA ILE C 129 -9.82 -22.68 -3.96
C ILE C 129 -8.61 -22.65 -4.84
N ILE C 130 -7.71 -23.62 -4.72
CA ILE C 130 -6.49 -23.60 -5.46
C ILE C 130 -6.77 -23.81 -6.93
N GLU C 131 -7.63 -24.79 -7.25
CA GLU C 131 -7.96 -25.02 -8.63
C GLU C 131 -8.67 -23.83 -9.27
N ALA C 132 -9.62 -23.29 -8.54
CA ALA C 132 -10.32 -22.07 -8.97
C ALA C 132 -9.31 -20.97 -9.20
N THR C 133 -8.35 -20.82 -8.29
CA THR C 133 -7.49 -19.68 -8.42
C THR C 133 -6.65 -19.85 -9.64
N ARG C 134 -6.18 -21.08 -9.89
CA ARG C 134 -5.43 -21.31 -11.06
C ARG C 134 -6.22 -20.85 -12.29
N GLU C 135 -7.52 -21.22 -12.41
CA GLU C 135 -8.25 -20.84 -13.63
C GLU C 135 -8.39 -19.31 -13.73
N HIS C 136 -8.70 -18.67 -12.58
CA HIS C 136 -8.89 -17.27 -12.51
C HIS C 136 -7.63 -16.52 -12.89
N THR C 137 -6.49 -17.11 -12.54
CA THR C 137 -5.27 -16.42 -12.95
C THR C 137 -5.16 -16.47 -14.46
N GLU C 138 -5.60 -17.56 -15.03
CA GLU C 138 -5.53 -17.70 -16.48
C GLU C 138 -6.52 -16.71 -17.12
N LEU C 139 -7.67 -16.64 -16.51
CA LEU C 139 -8.72 -15.73 -16.97
C LEU C 139 -8.28 -14.29 -16.98
N ALA C 140 -7.74 -13.81 -15.84
CA ALA C 140 -7.23 -12.46 -15.73
C ALA C 140 -6.13 -12.18 -16.72
N GLU C 141 -5.10 -13.04 -16.78
CA GLU C 141 -4.06 -12.87 -17.82
C GLU C 141 -4.69 -12.74 -19.25
N ASN C 142 -5.60 -13.63 -19.60
CA ASN C 142 -6.24 -13.59 -20.89
C ASN C 142 -6.98 -12.30 -21.13
N LEU C 143 -7.63 -11.78 -20.11
CA LEU C 143 -8.17 -10.44 -20.24
C LEU C 143 -7.09 -9.34 -20.17
N GLY C 144 -5.84 -9.70 -20.01
CA GLY C 144 -4.81 -8.66 -20.02
C GLY C 144 -4.83 -7.93 -18.68
N ASP C 145 -5.49 -8.51 -17.68
CA ASP C 145 -5.56 -7.85 -16.39
C ASP C 145 -4.44 -8.45 -15.54
N HIS C 146 -3.24 -7.95 -15.84
CA HIS C 146 -2.01 -8.48 -15.30
C HIS C 146 -1.90 -8.27 -13.79
N ALA C 147 -2.37 -7.11 -13.30
CA ALA C 147 -2.29 -6.84 -11.90
C ALA C 147 -3.16 -7.84 -11.19
N THR C 148 -4.34 -8.09 -11.77
CA THR C 148 -5.21 -9.08 -11.12
C THR C 148 -4.56 -10.47 -11.12
N ALA C 149 -3.99 -10.92 -12.26
CA ALA C 149 -3.34 -12.22 -12.31
C ALA C 149 -2.17 -12.28 -11.30
N HIS C 150 -1.40 -11.20 -11.16
CA HIS C 150 -0.26 -11.17 -10.35
C HIS C 150 -0.67 -11.27 -8.92
N MET C 151 -1.66 -10.50 -8.50
CA MET C 151 -2.27 -10.80 -7.18
C MET C 151 -2.82 -12.18 -6.91
N LEU C 152 -3.45 -12.77 -7.89
CA LEU C 152 -4.00 -14.10 -7.62
C LEU C 152 -2.79 -15.06 -7.42
N ARG C 153 -1.73 -14.91 -8.21
CA ARG C 153 -0.56 -15.79 -8.07
C ARG C 153 0.08 -15.61 -6.71
N GLU C 154 0.15 -14.35 -6.22
CA GLU C 154 0.73 -14.03 -4.95
C GLU C 154 -0.06 -14.64 -3.84
N GLY C 155 -1.37 -14.66 -3.94
CA GLY C 155 -2.24 -15.23 -2.92
C GLY C 155 -2.13 -16.77 -3.07
N LEU C 156 -2.05 -17.21 -4.31
CA LEU C 156 -2.04 -18.67 -4.60
C LEU C 156 -0.85 -19.39 -3.93
N ILE C 157 0.31 -18.80 -4.01
CA ILE C 157 1.47 -19.47 -3.49
C ILE C 157 1.31 -19.54 -1.96
N GLU C 158 0.72 -18.55 -1.32
CA GLU C 158 0.47 -18.71 0.10
C GLU C 158 -0.63 -19.76 0.40
N LEU C 159 -1.68 -19.85 -0.41
CA LEU C 159 -2.66 -20.86 -0.17
C LEU C 159 -2.06 -22.28 -0.31
N GLU C 160 -1.32 -22.46 -1.39
CA GLU C 160 -0.75 -23.69 -1.68
C GLU C 160 0.19 -24.11 -0.56
N ASP C 161 0.98 -23.16 -0.01
CA ASP C 161 1.88 -23.46 1.10
C ASP C 161 1.11 -23.99 2.28
N ASP C 162 0.05 -23.29 2.66
CA ASP C 162 -0.89 -23.82 3.64
C ASP C 162 -1.58 -25.19 3.43
N ALA C 163 -2.10 -25.41 2.25
CA ALA C 163 -2.75 -26.66 1.89
C ALA C 163 -1.65 -27.69 2.09
N HIS C 164 -0.46 -27.40 1.61
CA HIS C 164 0.61 -28.38 1.69
C HIS C 164 1.06 -28.74 3.16
N HIS C 165 1.18 -27.70 3.99
CA HIS C 165 1.40 -27.95 5.38
C HIS C 165 0.25 -28.89 5.94
N ILE C 166 -1.00 -28.64 5.61
CA ILE C 166 -2.04 -29.49 6.17
C ILE C 166 -1.79 -31.00 5.67
N GLU C 167 -1.37 -31.16 4.42
CA GLU C 167 -1.14 -32.48 3.89
C GLU C 167 0.01 -33.14 4.68
N HIS C 168 0.92 -32.35 5.19
CA HIS C 168 2.02 -32.90 5.93
C HIS C 168 1.58 -33.23 7.32
N TYR C 169 0.73 -32.42 7.92
CA TYR C 169 0.17 -32.75 9.22
C TYR C 169 -0.50 -34.13 9.19
N LEU C 170 -1.09 -34.46 8.04
CA LEU C 170 -1.94 -35.63 7.92
C LEU C 170 -1.22 -36.85 7.43
N GLU C 171 0.05 -36.72 7.09
CA GLU C 171 0.85 -37.77 6.54
C GLU C 171 1.12 -38.81 7.59
N ASP C 172 1.41 -40.03 7.13
CA ASP C 172 1.43 -41.17 8.02
C ASP C 172 2.80 -41.42 8.59
N ASP C 173 3.29 -40.48 9.35
CA ASP C 173 4.55 -40.66 10.02
C ASP C 173 4.41 -39.95 11.36
N THR C 174 5.33 -40.31 12.24
CA THR C 174 5.33 -39.76 13.55
C THR C 174 6.55 -40.20 14.32
N LEU C 175 7.07 -39.36 15.19
CA LEU C 175 8.04 -39.79 16.19
C LEU C 175 7.52 -40.71 17.22
N VAL C 176 6.20 -40.72 17.47
CA VAL C 176 5.65 -41.61 18.53
C VAL C 176 5.96 -43.00 18.12
N THR C 177 6.15 -43.90 19.10
CA THR C 177 6.29 -45.40 18.90
C THR C 177 5.39 -46.05 19.90
N GLN C 178 5.01 -47.38 19.66
CA GLN C 178 4.23 -48.05 20.58
C GLN C 178 5.03 -47.81 21.88
N GLY C 179 6.34 -48.05 21.80
CA GLY C 179 7.16 -48.09 23.03
C GLY C 179 6.57 -47.02 23.89
N ALA C 180 6.77 -45.76 23.46
CA ALA C 180 6.31 -44.61 24.23
C ALA C 180 4.82 -44.54 24.63
N LEU C 181 3.95 -45.36 24.07
CA LEU C 181 2.55 -45.43 24.43
C LEU C 181 2.46 -46.12 25.74
N ALA D 7 -18.27 -36.95 16.52
CA ALA D 7 -17.96 -35.48 16.80
C ALA D 7 -17.36 -35.29 18.18
N ARG D 8 -16.32 -34.49 18.26
CA ARG D 8 -15.64 -34.30 19.53
C ARG D 8 -16.50 -33.44 20.52
N ALA D 9 -17.29 -32.51 20.00
CA ALA D 9 -18.15 -31.73 20.86
C ALA D 9 -19.33 -31.29 20.06
N THR D 10 -20.43 -30.97 20.73
CA THR D 10 -21.61 -30.71 19.98
C THR D 10 -21.91 -29.28 20.20
N ALA D 11 -22.21 -28.57 19.14
CA ALA D 11 -22.61 -27.18 19.30
C ALA D 11 -23.66 -27.10 20.41
N GLY D 12 -23.60 -25.99 21.17
CA GLY D 12 -24.40 -25.70 22.36
C GLY D 12 -23.96 -26.30 23.68
N GLU D 13 -23.16 -27.32 23.65
CA GLU D 13 -22.83 -27.97 24.86
C GLU D 13 -21.83 -27.14 25.63
N VAL D 14 -21.83 -27.11 26.94
CA VAL D 14 -20.80 -26.42 27.65
C VAL D 14 -20.33 -27.39 28.72
N GLU D 15 -19.06 -27.62 28.85
CA GLU D 15 -18.61 -28.63 29.77
C GLU D 15 -17.86 -28.09 30.97
N GLY D 16 -17.79 -26.79 31.00
CA GLY D 16 -16.85 -26.13 31.89
C GLY D 16 -15.41 -26.57 31.64
N SER D 17 -14.62 -26.41 32.68
CA SER D 17 -13.26 -26.81 32.62
C SER D 17 -12.76 -27.07 34.02
N ASP D 18 -12.21 -28.28 34.22
CA ASP D 18 -11.42 -28.58 35.36
C ASP D 18 -10.16 -27.80 35.57
N ALA D 19 -9.42 -27.51 34.50
CA ALA D 19 -8.23 -26.70 34.56
C ALA D 19 -8.54 -25.39 35.19
N LEU D 20 -9.59 -24.77 34.68
CA LEU D 20 -9.99 -23.45 35.17
C LEU D 20 -10.91 -23.50 36.39
N ARG D 21 -11.20 -24.71 36.93
CA ARG D 21 -12.08 -24.86 38.11
C ARG D 21 -13.38 -24.06 37.95
N MET D 22 -14.01 -24.26 36.81
CA MET D 22 -15.23 -23.64 36.47
C MET D 22 -16.16 -24.81 36.06
N ASP D 23 -17.15 -25.12 36.94
CA ASP D 23 -18.13 -26.15 36.65
C ASP D 23 -18.96 -25.67 35.52
N ALA D 24 -19.52 -26.63 34.82
CA ALA D 24 -20.34 -26.40 33.62
C ALA D 24 -21.54 -25.49 33.85
N ASP D 25 -22.07 -25.50 35.06
CA ASP D 25 -23.22 -24.69 35.39
C ASP D 25 -22.82 -23.16 35.42
N ARG D 26 -21.74 -22.72 36.13
CA ARG D 26 -21.25 -21.37 35.95
C ARG D 26 -20.78 -21.12 34.51
N ALA D 27 -20.05 -22.06 33.93
CA ALA D 27 -19.44 -21.78 32.64
C ALA D 27 -20.53 -21.51 31.63
N GLU D 28 -21.65 -22.25 31.69
CA GLU D 28 -22.70 -22.10 30.66
C GLU D 28 -23.24 -20.70 30.61
N GLN D 29 -23.38 -20.12 31.80
CA GLN D 29 -23.81 -18.76 31.90
C GLN D 29 -22.87 -17.84 31.14
N CYS D 30 -21.53 -17.89 31.32
CA CYS D 30 -20.66 -16.96 30.61
C CYS D 30 -20.62 -17.34 29.17
N VAL D 31 -20.60 -18.65 28.90
CA VAL D 31 -20.57 -19.07 27.49
C VAL D 31 -21.76 -18.56 26.74
N ASP D 32 -22.94 -18.73 27.27
CA ASP D 32 -24.06 -18.28 26.44
C ASP D 32 -23.89 -16.78 26.15
N ALA D 33 -23.38 -16.03 27.12
CA ALA D 33 -23.22 -14.56 26.90
C ALA D 33 -22.04 -14.34 25.89
N LEU D 34 -20.93 -15.06 26.07
CA LEU D 34 -19.79 -14.77 25.23
C LEU D 34 -20.10 -15.15 23.74
N ASN D 35 -20.88 -16.21 23.55
CA ASN D 35 -21.10 -16.69 22.21
C ASN D 35 -22.03 -15.72 21.55
N ALA D 36 -22.95 -15.11 22.32
CA ALA D 36 -23.76 -14.13 21.65
C ALA D 36 -22.91 -12.88 21.33
N ASP D 37 -21.99 -12.48 22.22
CA ASP D 37 -21.04 -11.44 21.84
C ASP D 37 -20.32 -11.82 20.58
N LEU D 38 -19.81 -13.06 20.51
CA LEU D 38 -18.95 -13.51 19.37
C LEU D 38 -19.69 -13.23 18.08
N ALA D 39 -20.95 -13.69 18.05
CA ALA D 39 -21.75 -13.53 16.80
C ALA D 39 -21.81 -12.05 16.36
N ASN D 40 -22.01 -11.16 17.30
CA ASN D 40 -22.36 -9.83 16.97
C ASN D 40 -21.04 -9.23 16.63
N VAL D 41 -19.94 -9.57 17.33
CA VAL D 41 -18.70 -9.00 16.97
C VAL D 41 -18.21 -9.42 15.62
N TYR D 42 -18.46 -10.62 15.23
CA TYR D 42 -17.99 -11.09 13.91
C TYR D 42 -18.86 -10.51 12.80
N VAL D 43 -20.16 -10.27 13.05
CA VAL D 43 -20.86 -9.54 12.04
C VAL D 43 -20.39 -8.07 12.03
N LEU D 44 -20.01 -7.54 13.19
CA LEU D 44 -19.46 -6.19 13.17
C LEU D 44 -18.15 -6.07 12.31
N TYR D 45 -17.33 -7.07 12.54
CA TYR D 45 -16.07 -7.22 11.83
C TYR D 45 -16.31 -7.28 10.32
N HIS D 46 -17.31 -8.06 9.92
CA HIS D 46 -17.61 -8.14 8.46
C HIS D 46 -18.16 -6.90 7.86
N GLN D 47 -18.83 -6.13 8.66
CA GLN D 47 -19.45 -4.96 8.16
C GLN D 47 -18.41 -3.81 8.13
N LEU D 48 -17.51 -3.78 9.12
CA LEU D 48 -16.39 -2.89 9.06
C LEU D 48 -15.49 -3.19 7.85
N LYS D 49 -15.19 -4.44 7.64
CA LYS D 49 -14.51 -4.85 6.42
C LYS D 49 -15.22 -4.25 5.17
N LYS D 50 -16.54 -4.38 5.14
CA LYS D 50 -17.27 -3.91 4.00
C LYS D 50 -17.01 -2.41 3.81
N HIS D 51 -17.10 -1.66 4.92
CA HIS D 51 -17.04 -0.22 4.81
C HIS D 51 -15.62 0.26 4.46
N HIS D 52 -14.63 -0.45 5.01
CA HIS D 52 -13.26 -0.31 4.68
C HIS D 52 -13.09 -0.52 3.20
N TRP D 53 -13.61 -1.60 2.66
CA TRP D 53 -13.43 -1.83 1.20
C TRP D 53 -14.07 -0.75 0.34
N ASN D 54 -15.23 -0.23 0.77
CA ASN D 54 -16.06 0.50 -0.12
C ASN D 54 -16.02 2.04 0.11
N VAL D 55 -15.50 2.53 1.24
CA VAL D 55 -15.51 3.93 1.50
C VAL D 55 -14.88 4.70 0.37
N GLU D 56 -15.53 5.80 -0.03
CA GLU D 56 -15.03 6.61 -1.16
C GLU D 56 -15.27 8.02 -0.71
N GLY D 57 -14.55 8.93 -1.32
CA GLY D 57 -14.84 10.34 -1.22
C GLY D 57 -13.73 11.11 -0.52
N ALA D 58 -14.03 12.35 -0.15
CA ALA D 58 -13.00 13.29 0.31
C ALA D 58 -12.17 12.79 1.48
N GLU D 59 -12.72 11.91 2.31
CA GLU D 59 -12.06 11.50 3.55
C GLU D 59 -11.72 10.04 3.51
N PHE D 60 -11.66 9.47 2.32
CA PHE D 60 -11.79 8.01 2.28
C PHE D 60 -10.53 7.36 2.79
N ARG D 61 -9.38 7.95 2.66
CA ARG D 61 -8.19 7.19 3.03
C ARG D 61 -8.11 7.05 4.54
N ASP D 62 -8.16 8.14 5.23
CA ASP D 62 -8.37 8.09 6.61
C ASP D 62 -9.45 7.11 7.15
N LEU D 63 -10.65 7.02 6.53
CA LEU D 63 -11.72 6.20 7.02
C LEU D 63 -11.33 4.81 6.67
N HIS D 64 -10.72 4.62 5.53
CA HIS D 64 -10.27 3.34 5.11
C HIS D 64 -9.31 2.68 6.14
N LEU D 65 -8.46 3.52 6.70
CA LEU D 65 -7.47 3.06 7.67
C LEU D 65 -8.17 2.81 8.90
N PHE D 66 -8.93 3.84 9.37
CA PHE D 66 -9.65 3.66 10.56
C PHE D 66 -10.49 2.36 10.54
N LEU D 67 -11.30 2.12 9.50
CA LEU D 67 -12.24 1.02 9.51
C LEU D 67 -11.44 -0.35 9.45
N GLY D 68 -10.39 -0.43 8.66
CA GLY D 68 -9.36 -1.43 8.80
C GLY D 68 -8.89 -1.77 10.15
N GLU D 69 -8.56 -0.72 10.93
CA GLU D 69 -8.06 -0.95 12.23
C GLU D 69 -9.18 -1.41 13.14
N ALA D 70 -10.34 -0.85 12.99
CA ALA D 70 -11.48 -1.17 13.86
C ALA D 70 -11.90 -2.63 13.56
N ALA D 71 -11.89 -3.04 12.29
CA ALA D 71 -12.09 -4.46 11.92
C ALA D 71 -11.09 -5.38 12.57
N GLU D 72 -9.80 -4.98 12.59
CA GLU D 72 -8.77 -5.78 13.24
C GLU D 72 -9.11 -5.79 14.73
N THR D 73 -9.43 -4.63 15.31
CA THR D 73 -9.83 -4.73 16.70
C THR D 73 -11.05 -5.70 16.92
N ALA D 74 -12.13 -5.52 16.11
CA ALA D 74 -13.25 -6.41 16.20
C ALA D 74 -12.80 -7.85 16.09
N GLU D 75 -11.95 -8.18 15.11
CA GLU D 75 -11.49 -9.54 14.89
C GLU D 75 -10.79 -10.15 16.17
N GLU D 76 -9.90 -9.39 16.78
CA GLU D 76 -9.18 -9.76 17.95
C GLU D 76 -10.15 -9.94 19.07
N VAL D 77 -11.16 -9.02 19.23
CA VAL D 77 -12.16 -9.24 20.25
C VAL D 77 -12.87 -10.53 19.98
N ALA D 78 -13.21 -10.82 18.72
CA ALA D 78 -13.96 -12.00 18.47
C ALA D 78 -13.03 -13.20 18.86
N ASP D 79 -11.77 -13.09 18.48
CA ASP D 79 -10.89 -14.17 18.80
C ASP D 79 -10.83 -14.38 20.31
N GLU D 80 -10.66 -13.34 21.08
CA GLU D 80 -10.60 -13.53 22.49
C GLU D 80 -11.91 -14.20 23.01
N LEU D 81 -13.09 -13.72 22.59
CA LEU D 81 -14.43 -14.27 22.98
C LEU D 81 -14.51 -15.76 22.56
N ALA D 82 -14.02 -16.11 21.39
CA ALA D 82 -14.25 -17.48 20.94
C ALA D 82 -13.33 -18.42 21.75
N GLU D 83 -12.05 -17.96 21.93
CA GLU D 83 -11.12 -18.69 22.78
C GLU D 83 -11.56 -18.88 24.18
N ARG D 84 -12.11 -17.83 24.75
CA ARG D 84 -12.70 -17.97 26.03
C ARG D 84 -13.91 -18.94 26.12
N VAL D 85 -14.78 -18.83 25.12
CA VAL D 85 -15.86 -19.81 25.07
C VAL D 85 -15.25 -21.24 25.09
N GLN D 86 -14.21 -21.44 24.33
CA GLN D 86 -13.63 -22.79 24.18
C GLN D 86 -13.01 -23.20 25.52
N ALA D 87 -12.40 -22.25 26.18
CA ALA D 87 -11.70 -22.54 27.45
C ALA D 87 -12.65 -22.89 28.57
N LEU D 88 -13.86 -22.37 28.50
CA LEU D 88 -14.90 -22.71 29.40
C LEU D 88 -15.74 -23.96 28.96
N GLY D 89 -15.26 -24.65 27.95
CA GLY D 89 -15.76 -25.91 27.52
C GLY D 89 -16.95 -25.81 26.61
N GLY D 90 -17.16 -24.66 26.00
CA GLY D 90 -18.22 -24.41 25.06
C GLY D 90 -17.75 -24.48 23.63
N VAL D 91 -18.68 -24.33 22.71
CA VAL D 91 -18.36 -24.45 21.29
C VAL D 91 -18.60 -23.03 20.74
N PRO D 92 -17.55 -22.33 20.32
CA PRO D 92 -17.73 -20.94 19.79
C PRO D 92 -18.46 -20.98 18.43
N HIS D 93 -19.43 -20.13 18.17
CA HIS D 93 -20.09 -20.15 16.88
C HIS D 93 -19.00 -19.92 15.83
N ALA D 94 -19.09 -20.63 14.70
CA ALA D 94 -18.00 -20.71 13.78
C ALA D 94 -18.31 -20.32 12.34
N SER D 95 -19.35 -20.90 11.77
CA SER D 95 -19.54 -20.65 10.34
C SER D 95 -20.13 -19.31 10.19
N PRO D 96 -19.92 -18.70 9.05
CA PRO D 96 -20.39 -17.34 8.78
C PRO D 96 -21.95 -17.32 8.88
N GLU D 97 -22.59 -18.38 8.35
CA GLU D 97 -24.02 -18.45 8.41
C GLU D 97 -24.45 -18.50 9.89
N THR D 98 -23.72 -19.25 10.72
CA THR D 98 -24.17 -19.30 12.15
C THR D 98 -23.89 -18.00 12.84
N LEU D 99 -22.72 -17.43 12.60
CA LEU D 99 -22.43 -16.09 13.19
C LEU D 99 -23.54 -15.10 12.95
N GLN D 100 -23.91 -14.92 11.70
CA GLN D 100 -24.95 -13.91 11.38
C GLN D 100 -26.29 -14.33 11.99
N ALA D 101 -26.56 -15.63 11.93
CA ALA D 101 -27.87 -16.09 12.39
C ALA D 101 -27.95 -15.89 13.92
N GLU D 102 -26.83 -15.98 14.61
CA GLU D 102 -26.88 -15.85 16.10
C GLU D 102 -26.72 -14.40 16.50
N ALA D 103 -26.40 -13.56 15.53
CA ALA D 103 -26.24 -12.18 15.84
C ALA D 103 -27.63 -11.56 16.14
N SER D 104 -27.70 -10.69 17.13
CA SER D 104 -28.88 -9.92 17.40
C SER D 104 -28.75 -8.58 16.71
N VAL D 105 -27.56 -8.17 16.30
CA VAL D 105 -27.50 -6.85 15.68
C VAL D 105 -28.00 -6.83 14.22
N ASP D 106 -28.27 -5.63 13.70
CA ASP D 106 -28.78 -5.43 12.33
C ASP D 106 -27.62 -5.39 11.34
N VAL D 107 -27.85 -5.94 10.15
CA VAL D 107 -26.78 -6.19 9.24
C VAL D 107 -27.17 -5.66 7.89
N GLU D 108 -26.36 -4.77 7.30
CA GLU D 108 -26.74 -4.14 6.02
C GLU D 108 -26.97 -5.21 4.99
N ASP D 109 -27.84 -4.96 4.04
CA ASP D 109 -27.86 -5.89 2.92
C ASP D 109 -26.68 -5.58 2.03
N GLU D 110 -26.61 -6.35 0.93
CA GLU D 110 -25.44 -6.35 0.16
C GLU D 110 -25.13 -5.06 -0.56
N ASP D 111 -26.07 -4.12 -0.60
CA ASP D 111 -25.78 -2.93 -1.36
C ASP D 111 -24.81 -2.14 -0.52
N VAL D 112 -24.16 -1.15 -1.11
CA VAL D 112 -23.17 -0.21 -0.57
C VAL D 112 -23.85 1.13 -0.40
N TYR D 113 -23.95 1.58 0.83
CA TYR D 113 -24.53 2.86 1.16
C TYR D 113 -23.43 3.90 1.23
N ASP D 114 -23.86 5.15 1.34
CA ASP D 114 -22.91 6.24 1.40
C ASP D 114 -22.18 6.19 2.77
N ILE D 115 -21.13 6.99 2.95
CA ILE D 115 -20.37 6.83 4.19
C ILE D 115 -21.10 7.21 5.47
N ARG D 116 -21.90 8.26 5.50
CA ARG D 116 -22.51 8.56 6.74
C ARG D 116 -23.50 7.47 7.14
N THR D 117 -24.17 6.85 6.19
CA THR D 117 -25.16 5.77 6.46
C THR D 117 -24.47 4.54 6.96
N SER D 118 -23.43 4.14 6.30
CA SER D 118 -22.64 3.01 6.75
C SER D 118 -22.14 3.20 8.13
N LEU D 119 -21.39 4.27 8.35
CA LEU D 119 -20.93 4.61 9.72
C LEU D 119 -22.02 4.56 10.76
N ALA D 120 -23.18 5.16 10.45
CA ALA D 120 -24.27 5.18 11.51
C ALA D 120 -24.79 3.78 11.67
N ASN D 121 -24.84 2.97 10.60
CA ASN D 121 -25.20 1.57 10.82
C ASN D 121 -24.18 0.88 11.76
N ASP D 122 -22.87 1.16 11.61
CA ASP D 122 -21.82 0.53 12.46
C ASP D 122 -21.96 1.05 13.82
N MET D 123 -22.20 2.30 13.95
CA MET D 123 -22.31 2.82 15.33
C MET D 123 -23.42 2.11 16.05
N ALA D 124 -24.55 1.82 15.38
CA ALA D 124 -25.64 1.14 16.08
C ALA D 124 -25.22 -0.27 16.48
N ILE D 125 -24.47 -0.96 15.61
CA ILE D 125 -23.94 -2.27 16.05
C ILE D 125 -23.01 -2.11 17.24
N TYR D 126 -22.17 -1.05 17.23
CA TYR D 126 -21.24 -0.92 18.39
C TYR D 126 -22.03 -0.79 19.65
N GLY D 127 -23.10 0.00 19.60
CA GLY D 127 -23.83 0.36 20.82
C GLY D 127 -24.48 -0.90 21.37
N ASP D 128 -25.04 -1.71 20.53
CA ASP D 128 -25.64 -2.93 21.07
C ASP D 128 -24.60 -3.80 21.70
N ILE D 129 -23.40 -3.86 21.09
CA ILE D 129 -22.31 -4.66 21.63
C ILE D 129 -21.79 -4.07 22.92
N ILE D 130 -21.77 -2.76 22.98
CA ILE D 130 -21.25 -2.17 24.22
C ILE D 130 -22.17 -2.43 25.40
N GLU D 131 -23.45 -2.33 25.19
CA GLU D 131 -24.42 -2.55 26.28
C GLU D 131 -24.41 -3.97 26.66
N ALA D 132 -24.45 -4.90 25.70
CA ALA D 132 -24.38 -6.31 26.08
C ALA D 132 -23.05 -6.57 26.87
N THR D 133 -21.92 -5.98 26.43
CA THR D 133 -20.63 -6.26 27.09
C THR D 133 -20.65 -5.79 28.48
N ARG D 134 -21.21 -4.61 28.68
CA ARG D 134 -21.34 -4.15 30.04
C ARG D 134 -22.11 -5.14 30.90
N GLU D 135 -23.26 -5.62 30.43
CA GLU D 135 -24.04 -6.60 31.17
C GLU D 135 -23.23 -7.91 31.35
N HIS D 136 -22.45 -8.33 30.37
CA HIS D 136 -21.74 -9.55 30.49
C HIS D 136 -20.62 -9.41 31.47
N THR D 137 -19.98 -8.26 31.50
CA THR D 137 -18.92 -8.14 32.49
C THR D 137 -19.50 -8.27 33.90
N GLU D 138 -20.61 -7.57 34.17
CA GLU D 138 -21.31 -7.71 35.47
C GLU D 138 -21.63 -9.18 35.72
N LEU D 139 -22.11 -9.88 34.71
CA LEU D 139 -22.58 -11.21 34.88
C LEU D 139 -21.37 -12.07 35.21
N ALA D 140 -20.27 -11.85 34.51
CA ALA D 140 -19.04 -12.63 34.81
C ALA D 140 -18.54 -12.31 36.21
N GLU D 141 -18.56 -11.03 36.63
CA GLU D 141 -18.02 -10.75 37.97
C GLU D 141 -18.91 -11.42 39.00
N ASN D 142 -20.20 -11.42 38.73
CA ASN D 142 -21.10 -12.03 39.69
C ASN D 142 -20.95 -13.53 39.81
N LEU D 143 -20.45 -14.16 38.77
CA LEU D 143 -20.17 -15.58 38.84
C LEU D 143 -18.80 -15.85 39.44
N GLY D 144 -18.10 -14.76 39.82
CA GLY D 144 -16.67 -14.84 40.21
C GLY D 144 -15.69 -15.29 39.08
N ASP D 145 -16.06 -15.12 37.83
CA ASP D 145 -15.22 -15.34 36.67
C ASP D 145 -14.51 -14.05 36.34
N HIS D 146 -13.56 -13.69 37.17
CA HIS D 146 -12.87 -12.49 37.05
C HIS D 146 -12.04 -12.40 35.82
N ALA D 147 -11.48 -13.53 35.32
CA ALA D 147 -10.75 -13.49 34.11
C ALA D 147 -11.63 -13.13 32.99
N THR D 148 -12.81 -13.76 32.95
CA THR D 148 -13.75 -13.37 31.91
C THR D 148 -14.12 -11.88 31.96
N ALA D 149 -14.41 -11.43 33.18
CA ALA D 149 -14.88 -10.06 33.36
C ALA D 149 -13.80 -9.10 32.91
N HIS D 150 -12.57 -9.38 33.36
CA HIS D 150 -11.41 -8.71 32.85
C HIS D 150 -11.21 -8.65 31.36
N MET D 151 -11.11 -9.80 30.71
CA MET D 151 -11.10 -9.76 29.25
C MET D 151 -12.27 -8.97 28.58
N LEU D 152 -13.47 -9.06 29.13
CA LEU D 152 -14.53 -8.25 28.58
C LEU D 152 -14.26 -6.73 28.68
N ARG D 153 -13.74 -6.27 29.86
CA ARG D 153 -13.39 -4.85 30.06
C ARG D 153 -12.30 -4.36 29.15
N GLU D 154 -11.31 -5.21 28.90
CA GLU D 154 -10.20 -4.95 28.04
C GLU D 154 -10.72 -4.89 26.62
N GLY D 155 -11.65 -5.71 26.21
CA GLY D 155 -12.18 -5.55 24.86
C GLY D 155 -13.20 -4.37 24.84
N LEU D 156 -13.91 -4.14 25.95
CA LEU D 156 -14.88 -3.11 25.90
C LEU D 156 -14.25 -1.75 25.63
N ILE D 157 -13.12 -1.51 26.26
CA ILE D 157 -12.63 -0.16 26.16
C ILE D 157 -12.17 -0.05 24.70
N GLU D 158 -11.73 -1.11 24.05
CA GLU D 158 -11.41 -0.90 22.60
C GLU D 158 -12.69 -0.63 21.73
N LEU D 159 -13.74 -1.31 22.04
CA LEU D 159 -14.91 -1.23 21.23
C LEU D 159 -15.45 0.18 21.47
N GLU D 160 -15.33 0.64 22.67
CA GLU D 160 -15.98 1.95 23.00
C GLU D 160 -15.17 3.12 22.25
N ASP D 161 -13.88 2.94 22.18
CA ASP D 161 -13.07 3.93 21.53
C ASP D 161 -13.34 3.90 20.03
N ASP D 162 -13.53 2.71 19.41
CA ASP D 162 -13.91 2.77 18.05
C ASP D 162 -15.29 3.41 17.85
N ALA D 163 -16.21 3.11 18.76
CA ALA D 163 -17.55 3.56 18.60
C ALA D 163 -17.52 5.08 18.76
N HIS D 164 -16.65 5.55 19.65
CA HIS D 164 -16.63 6.98 19.91
C HIS D 164 -16.00 7.74 18.70
N HIS D 165 -15.09 7.11 17.98
CA HIS D 165 -14.41 7.67 16.86
C HIS D 165 -15.43 7.83 15.70
N ILE D 166 -16.27 6.81 15.51
CA ILE D 166 -17.34 6.86 14.53
C ILE D 166 -18.25 8.01 14.89
N GLU D 167 -18.45 8.22 16.19
CA GLU D 167 -19.40 9.22 16.55
C GLU D 167 -18.78 10.58 16.22
N HIS D 168 -17.44 10.67 16.37
CA HIS D 168 -16.75 11.91 16.01
C HIS D 168 -16.78 12.18 14.53
N TYR D 169 -16.66 11.14 13.75
CA TYR D 169 -16.77 11.29 12.31
C TYR D 169 -18.05 11.87 11.84
N LEU D 170 -19.15 11.62 12.61
CA LEU D 170 -20.50 11.92 12.19
C LEU D 170 -20.93 13.24 12.69
N GLU D 171 -20.15 13.86 13.56
CA GLU D 171 -20.51 15.13 14.18
C GLU D 171 -20.50 16.20 13.15
N ASP D 172 -21.16 17.28 13.52
CA ASP D 172 -21.56 18.37 12.59
C ASP D 172 -20.52 19.44 12.63
N ASP D 173 -19.30 19.09 12.28
CA ASP D 173 -18.28 20.10 12.14
C ASP D 173 -17.40 19.69 10.96
N THR D 174 -16.64 20.63 10.45
CA THR D 174 -15.76 20.38 9.35
C THR D 174 -14.92 21.60 9.13
N LEU D 175 -13.78 21.41 8.52
CA LEU D 175 -12.89 22.43 8.07
C LEU D 175 -13.47 22.99 6.74
N VAL D 176 -14.34 22.22 6.08
CA VAL D 176 -14.82 22.69 4.77
C VAL D 176 -15.67 23.96 4.95
N THR D 177 -15.48 24.97 4.07
CA THR D 177 -16.39 26.12 4.01
C THR D 177 -17.03 26.26 2.65
N GLN D 178 -18.22 26.86 2.61
CA GLN D 178 -18.82 27.23 1.31
C GLN D 178 -17.82 27.96 0.44
N GLY D 179 -17.11 28.92 0.99
CA GLY D 179 -15.98 29.44 0.31
C GLY D 179 -15.25 28.42 -0.49
N ALA D 180 -14.72 27.37 0.17
CA ALA D 180 -13.87 26.38 -0.55
C ALA D 180 -14.64 25.52 -1.55
N LEU D 181 -15.93 25.49 -1.42
CA LEU D 181 -16.76 24.63 -2.24
C LEU D 181 -16.79 25.31 -3.60
S SO4 E . 4.13 -13.02 -11.21
O1 SO4 E . 2.93 -12.28 -11.62
O2 SO4 E . 5.23 -12.56 -12.01
O3 SO4 E . 4.42 -12.68 -9.77
O4 SO4 E . 3.94 -14.49 -11.19
FE FE F . 18.56 1.98 -7.53
FE FE G . 7.02 -8.25 -4.16
FE FE H . 8.28 -11.37 -3.27
FE FE I . -11.01 0.05 -2.22
FE FE J . 6.13 -10.70 -5.19
FE FE K . 12.95 8.34 -2.02
FE FE L . 15.24 8.37 -2.95
FE FE M . 7.44 -9.34 -1.34
FE FE N . 13.29 5.94 -1.48
FE FE O . 33.04 -2.00 -23.29
FE FE P . -21.91 7.70 -7.57
NA NA Q . -13.29 16.64 4.13
S SO4 R . 22.21 25.75 13.31
O1 SO4 R . 21.29 26.41 12.39
O2 SO4 R . 21.83 24.35 13.48
O3 SO4 R . 23.57 25.81 12.77
O4 SO4 R . 22.17 26.42 14.60
FE FE S . 7.77 16.07 1.42
FE FE T . 20.09 18.92 13.88
FE FE U . 0.63 26.83 0.83
FE FE V . 25.87 -2.25 -17.56
FE FE W . 19.76 14.93 14.54
FE FE X . 19.19 17.37 11.95
FE FE Y . 4.84 22.71 2.41
FE FE Z . 24.24 -1.31 -12.29
FE FE AA . -4.49 32.30 0.13
FE FE BA . 5.06 -10.49 -2.65
FE FE CA . -5.16 -9.61 11.27
NA NA DA . 2.63 -36.27 18.56
FE FE EA . -6.70 -16.99 18.48
FE FE FA . -7.91 -4.03 3.47
FE FE GA . -14.79 2.40 -5.68
FE FE HA . -6.33 -11.82 11.48
FE FE IA . -11.02 -27.11 24.84
FE FE JA . -12.13 -35.00 26.24
FE FE KA . -7.33 -8.66 10.61
FE FE LA . -8.78 -22.25 24.32
#